data_7VUJ
#
_entry.id   7VUJ
#
_cell.length_a   1.00
_cell.length_b   1.00
_cell.length_c   1.00
_cell.angle_alpha   90.00
_cell.angle_beta   90.00
_cell.angle_gamma   90.00
#
_symmetry.space_group_name_H-M   'P 1'
#
loop_
_entity.id
_entity.type
_entity.pdbx_description
1 polymer 'Isoform Gnas-2 of Guanine nucleotide-binding protein G(s) subunit alpha isoforms short'
2 polymer 'Guanine nucleotide-binding protein G(I)/G(S)/G(T) subunit beta-1'
3 polymer 'Guanine nucleotide-binding protein G(I)/G(S)/G(O) subunit gamma-2'
4 polymer 'Nanobody 35'
5 polymer 'chimera of Endo-1,4-beta-xylanase and Probable G-protein coupled receptor 139'
6 non-polymer 'MAGNESIUM ION'
7 non-polymer "GUANOSINE-5'-DIPHOSPHATE"
8 non-polymer 3-chloranyl-N-[2-oxidanylidene-2-[[(1S)-1-phenylethyl]amino]ethyl]benzamide
#
loop_
_entity_poly.entity_id
_entity_poly.type
_entity_poly.pdbx_seq_one_letter_code
_entity_poly.pdbx_strand_id
1 'polypeptide(L)'
;HHHHHHENLYFQGNSKTEDQRNEEKAQREANKKIEKQLQKDKQVYRATHRLLLLGADNSGKSTIVKQMRILHGGSGGSGG
TSGIFETKFQVDKVNFHMFDVGGQRDERRKWIQCFNDVTAIIFVVDSSDYNRLQEALNLFKSIWNNRWLRTISVILFLNK
QDLLAEKVLAGKSKIEDYFPEFARYTTPEDATPEPGEDPRVTRAKYFIRDEFLRISTASGDGRHYCYPHFTCAVDTENAR
RIFNDCKDIILQMNLREYNLV
;
A
2 'polypeptide(L)'
;IGRARGFSELDQLRQEAEQLKNQIRDARKACADATLSQITNNIDPVGRIQMRTRRTLRGHLAKIYAMHWGTDSRLLVSAS
QDGKLIIWDSYTTNKVHAIPLRSSWVMTCAYAPSGNYVACGGLDNICSIYNLKTREGNVRVSRELAGHTGYLSCCRFLDD
NQIVTSSGDTTCALWDIETGQQTTTFTGHTGDVMSLSLAPDTRLFVSGACDASAKLWDVREGMCRQTFTGHESDINAICF
FPNGNAFATGSDDATCRLFDLRADQELMTYSHDNIICGITSVSFSKSGRLLLAGYDDFNCNVWDALKADRAGVLAGHDNR
VSCLGVTDDGMAVATGSWDSFLKIWN
;
B
3 'polypeptide(L)' MASNNTASIAQARKLVEQLKMEANIDRIKVSKAAADLMAYCEAHAKEDPLLTPVPASENPFREKKFFCAIL G
4 'polypeptide(L)'
;MKYLLPTAAAGLLLLAAQPAMAMQVQLQESGGGLVQPGGSLRLSCAASGFTFSNYKMNWVRQAPGKGLEWVSDISQSGAS
ISYTGSVKGRFTISRDNAKNTLYLQMNSLKPEDTAVYYCARCPAPFTRDCFDVTSTTYAYRGQGTQVTVSSHHHHHH
;
N
5 'polypeptide(L)'
;HHHHHHHHHHDYKDDDDKENLYFQSGAPASTDYWQNWTFGGGIVNAVNGSGGNYSVNWSNTGNFVVGKGWTTGSPFRTIN
YNAGVWAPNGNGYLTLYGWTRSPLIEYYVVDSWGTYRPTGTYKGTVKSDGGTYDIYTTTRYNAPSIDGDDTTFTQYWSVR
QSKRPTGSNATITFTNHVNAWKSHGMNLGSNWAYQVMATEGYQSSGSSNVTVWEHTHAHLAANSSLSWWSPGSACGLGFV
PVVYYSLLLCLGLPANILTVIILSQLVARRQKSVYNYLLALAAADILVLFFIVFVDFLLEDFILNMQMPQVPDKIIEVLE
FSSIHTSIWITVPLTIDRYIAVCHPLKYHTVSYPARTRKVIVSVYITCFLTSIPYYWWPNIWTEDYISTSVHHVLIWIHC
FTVYLVPCSIFFILNSIIVYKLRRKSNFRLRGYSTGKTTAILFTITSIFATLWAPRIIMILYHLYGAPIQNRWLVHIMSD
IANMLALLNTAINFFLYCFISKRFRTMAAATLKAFFKCQKQPVQFYTNHNFSI
;
R
#
# COMPACT_ATOMS: atom_id res chain seq x y z
N THR A 17 -26.02 2.32 -37.91
CA THR A 17 -24.92 2.86 -37.12
C THR A 17 -25.40 3.97 -36.19
N GLU A 18 -26.63 4.44 -36.43
CA GLU A 18 -27.20 5.48 -35.58
C GLU A 18 -27.40 4.99 -34.16
N ASP A 19 -27.82 3.73 -33.99
CA ASP A 19 -28.03 3.18 -32.66
C ASP A 19 -26.72 3.17 -31.87
N GLN A 20 -25.63 2.74 -32.50
CA GLN A 20 -24.33 2.76 -31.83
C GLN A 20 -23.93 4.19 -31.50
N ARG A 21 -24.23 5.13 -32.39
CA ARG A 21 -23.91 6.54 -32.15
C ARG A 21 -24.61 7.05 -30.89
N ASN A 22 -25.93 6.85 -30.80
CA ASN A 22 -26.65 7.37 -29.65
C ASN A 22 -26.29 6.62 -28.37
N GLU A 23 -25.98 5.33 -28.46
CA GLU A 23 -25.52 4.60 -27.29
C GLU A 23 -24.20 5.17 -26.78
N GLU A 24 -23.27 5.44 -27.68
CA GLU A 24 -21.99 6.03 -27.28
C GLU A 24 -22.20 7.41 -26.67
N LYS A 25 -23.10 8.20 -27.26
CA LYS A 25 -23.39 9.52 -26.71
C LYS A 25 -23.97 9.41 -25.30
N ALA A 26 -24.87 8.45 -25.08
CA ALA A 26 -25.45 8.25 -23.76
C ALA A 26 -24.38 7.84 -22.75
N GLN A 27 -23.48 6.94 -23.14
CA GLN A 27 -22.41 6.54 -22.22
C GLN A 27 -21.49 7.71 -21.90
N ARG A 28 -21.21 8.56 -22.88
CA ARG A 28 -20.36 9.73 -22.61
C ARG A 28 -21.06 10.71 -21.67
N GLU A 29 -22.37 10.88 -21.83
CA GLU A 29 -23.13 11.72 -20.90
C GLU A 29 -23.08 11.16 -19.48
N ALA A 30 -23.27 9.84 -19.37
CA ALA A 30 -23.17 9.20 -18.06
C ALA A 30 -21.79 9.42 -17.47
N ASN A 31 -20.74 9.31 -18.30
CA ASN A 31 -19.38 9.58 -17.80
C ASN A 31 -19.22 10.98 -17.27
N LYS A 32 -19.70 12.00 -17.99
CA LYS A 32 -19.50 13.34 -17.47
C LYS A 32 -20.24 13.52 -16.14
N LYS A 33 -21.44 12.95 -16.03
CA LYS A 33 -22.16 13.05 -14.76
C LYS A 33 -21.39 12.35 -13.63
N ILE A 34 -20.96 11.12 -13.87
CA ILE A 34 -20.30 10.33 -12.82
C ILE A 34 -18.95 10.96 -12.44
N GLU A 35 -18.24 11.52 -13.41
CA GLU A 35 -16.98 12.17 -13.11
C GLU A 35 -17.20 13.43 -12.28
N LYS A 36 -18.27 14.18 -12.56
CA LYS A 36 -18.59 15.32 -11.71
C LYS A 36 -18.85 14.88 -10.28
N GLN A 37 -19.66 13.82 -10.11
CA GLN A 37 -19.95 13.32 -8.77
C GLN A 37 -18.69 12.82 -8.08
N LEU A 38 -17.82 12.12 -8.82
CA LEU A 38 -16.62 11.55 -8.22
C LEU A 38 -15.60 12.62 -7.86
N GLN A 39 -15.53 13.69 -8.63
CA GLN A 39 -14.69 14.81 -8.22
C GLN A 39 -15.25 15.45 -6.95
N LYS A 40 -16.57 15.59 -6.87
CA LYS A 40 -17.19 16.07 -5.63
C LYS A 40 -16.80 15.18 -4.46
N ASP A 41 -16.76 13.86 -4.68
CA ASP A 41 -16.36 12.94 -3.62
C ASP A 41 -14.86 13.02 -3.35
N LYS A 42 -14.08 13.35 -4.38
CA LYS A 42 -12.64 13.61 -4.21
C LYS A 42 -12.39 14.74 -3.23
N GLN A 43 -13.21 15.79 -3.31
CA GLN A 43 -12.99 16.96 -2.46
C GLN A 43 -13.08 16.64 -0.97
N VAL A 44 -13.77 15.57 -0.59
CA VAL A 44 -14.04 15.28 0.81
C VAL A 44 -13.25 14.08 1.32
N TYR A 45 -12.96 13.11 0.45
CA TYR A 45 -12.29 11.89 0.90
C TYR A 45 -10.95 12.19 1.53
N ARG A 46 -10.10 12.95 0.83
CA ARG A 46 -8.80 13.29 1.39
C ARG A 46 -8.93 14.21 2.59
N ALA A 47 -10.01 15.00 2.66
CA ALA A 47 -10.18 15.92 3.78
C ALA A 47 -10.30 15.16 5.09
N THR A 48 -11.07 14.07 5.10
CA THR A 48 -11.20 13.26 6.31
C THR A 48 -9.95 12.44 6.53
N HIS A 49 -9.39 12.55 7.74
CA HIS A 49 -8.19 11.80 8.12
C HIS A 49 -8.63 10.54 8.85
N ARG A 50 -8.18 9.39 8.36
CA ARG A 50 -8.52 8.14 9.00
C ARG A 50 -7.64 7.90 10.21
N LEU A 51 -8.23 7.35 11.27
CA LEU A 51 -7.50 6.93 12.45
C LEU A 51 -7.96 5.53 12.84
N LEU A 52 -7.11 4.82 13.57
CA LEU A 52 -7.41 3.45 13.96
C LEU A 52 -7.08 3.25 15.42
N LEU A 53 -7.93 2.51 16.12
CA LEU A 53 -7.78 2.21 17.54
C LEU A 53 -7.40 0.75 17.71
N LEU A 54 -6.34 0.49 18.46
CA LEU A 54 -5.91 -0.86 18.78
C LEU A 54 -5.43 -0.90 20.22
N GLY A 55 -5.50 -2.06 20.83
CA GLY A 55 -5.03 -2.20 22.20
C GLY A 55 -5.55 -3.46 22.85
N ALA A 56 -5.44 -3.49 24.17
CA ALA A 56 -5.84 -4.64 24.96
C ALA A 56 -7.35 -4.79 24.96
N ASP A 57 -7.83 -5.95 25.41
CA ASP A 57 -9.25 -6.25 25.36
C ASP A 57 -10.05 -5.27 26.22
N ASN A 58 -9.56 -4.97 27.42
CA ASN A 58 -10.21 -4.00 28.29
C ASN A 58 -9.60 -2.60 28.14
N SER A 59 -8.65 -2.44 27.22
CA SER A 59 -8.06 -1.12 27.00
C SER A 59 -9.15 -0.12 26.59
N GLY A 60 -9.00 1.10 27.06
CA GLY A 60 -10.07 2.08 27.00
C GLY A 60 -10.33 2.68 25.64
N LYS A 61 -10.97 1.93 24.75
CA LYS A 61 -11.22 2.45 23.41
C LYS A 61 -12.61 3.05 23.27
N SER A 62 -13.65 2.23 23.48
CA SER A 62 -15.01 2.66 23.22
C SER A 62 -15.42 3.82 24.11
N THR A 63 -15.06 3.78 25.39
CA THR A 63 -15.50 4.83 26.29
C THR A 63 -14.74 6.13 26.06
N ILE A 64 -13.48 6.06 25.64
CA ILE A 64 -12.81 7.32 25.26
C ILE A 64 -13.44 7.91 24.00
N VAL A 65 -13.71 7.08 22.99
CA VAL A 65 -14.28 7.63 21.76
C VAL A 65 -15.68 8.17 22.02
N LYS A 66 -16.44 7.49 22.89
CA LYS A 66 -17.74 8.00 23.29
C LYS A 66 -17.61 9.33 24.03
N GLN A 67 -16.61 9.44 24.91
CA GLN A 67 -16.41 10.67 25.66
C GLN A 67 -16.11 11.83 24.72
N MET A 68 -15.30 11.60 23.70
CA MET A 68 -14.94 12.68 22.80
C MET A 68 -15.93 12.86 21.66
N ARG A 69 -16.94 11.99 21.57
CA ARG A 69 -18.00 12.20 20.59
C ARG A 69 -18.80 13.47 20.88
N ILE A 70 -18.90 13.86 22.15
CA ILE A 70 -19.66 15.06 22.50
C ILE A 70 -19.00 16.29 21.88
N LEU A 71 -17.67 16.36 21.95
CA LEU A 71 -16.94 17.44 21.28
C LEU A 71 -17.07 17.27 19.78
N GLY A 83 -20.96 -3.37 14.28
CA GLY A 83 -19.55 -3.71 14.17
C GLY A 83 -18.63 -2.56 14.55
N ILE A 84 -18.08 -1.88 13.54
CA ILE A 84 -17.22 -0.74 13.80
C ILE A 84 -18.03 0.36 14.46
N PHE A 85 -17.49 0.95 15.51
CA PHE A 85 -18.11 2.09 16.16
C PHE A 85 -17.43 3.33 15.59
N GLU A 86 -17.85 3.74 14.40
CA GLU A 86 -17.28 4.91 13.75
C GLU A 86 -17.61 6.17 14.55
N THR A 87 -16.97 7.27 14.17
CA THR A 87 -17.32 8.57 14.71
C THR A 87 -16.74 9.65 13.81
N LYS A 88 -17.43 10.79 13.74
CA LYS A 88 -16.98 11.95 13.00
C LYS A 88 -16.96 13.13 13.96
N PHE A 89 -15.91 13.95 13.86
CA PHE A 89 -15.83 15.15 14.67
C PHE A 89 -15.07 16.23 13.91
N GLN A 90 -15.29 17.47 14.32
CA GLN A 90 -14.71 18.63 13.67
C GLN A 90 -13.83 19.37 14.67
N VAL A 91 -12.53 19.46 14.38
CA VAL A 91 -11.60 20.22 15.19
C VAL A 91 -10.74 21.07 14.26
N ASP A 92 -10.66 22.37 14.57
CA ASP A 92 -9.84 23.31 13.81
C ASP A 92 -10.15 23.26 12.31
N LYS A 93 -11.44 23.14 11.99
CA LYS A 93 -11.95 23.20 10.62
C LYS A 93 -11.40 22.08 9.74
N VAL A 94 -10.92 20.99 10.33
CA VAL A 94 -10.50 19.81 9.58
C VAL A 94 -11.06 18.57 10.27
N ASN A 95 -11.57 17.63 9.48
CA ASN A 95 -12.34 16.52 10.01
C ASN A 95 -11.53 15.22 10.03
N PHE A 96 -11.73 14.45 11.08
CA PHE A 96 -11.06 13.17 11.29
C PHE A 96 -12.09 12.07 11.39
N HIS A 97 -11.64 10.83 11.18
CA HIS A 97 -12.48 9.65 11.32
C HIS A 97 -11.78 8.67 12.24
N MET A 98 -12.39 8.38 13.38
CA MET A 98 -11.85 7.40 14.31
C MET A 98 -12.64 6.09 14.21
N PHE A 99 -11.90 4.99 14.15
CA PHE A 99 -12.46 3.67 13.95
C PHE A 99 -12.27 2.86 15.22
N ASP A 100 -13.36 2.33 15.77
CA ASP A 100 -13.31 1.46 16.94
C ASP A 100 -13.75 0.09 16.48
N VAL A 101 -12.82 -0.69 15.93
CA VAL A 101 -13.15 -1.99 15.35
C VAL A 101 -13.29 -3.00 16.48
N GLY A 102 -14.52 -3.47 16.69
CA GLY A 102 -14.79 -4.39 17.77
C GLY A 102 -15.75 -5.50 17.41
N GLY A 103 -16.27 -5.46 16.19
CA GLY A 103 -17.23 -6.45 15.76
C GLY A 103 -16.58 -7.64 15.10
N GLN A 104 -15.28 -7.77 15.27
CA GLN A 104 -14.49 -8.81 14.63
C GLN A 104 -13.98 -9.79 15.68
N ARG A 105 -13.25 -10.78 15.22
CA ARG A 105 -12.64 -11.77 16.12
C ARG A 105 -11.35 -11.20 16.69
N ASP A 106 -10.68 -11.98 17.54
CA ASP A 106 -9.41 -11.56 18.13
C ASP A 106 -8.23 -11.77 17.21
N GLU A 107 -8.42 -12.50 16.11
CA GLU A 107 -7.42 -12.61 15.06
C GLU A 107 -7.52 -11.37 14.18
N ARG A 108 -6.41 -10.67 14.00
CA ARG A 108 -6.43 -9.51 13.12
C ARG A 108 -5.18 -9.46 12.23
N ARG A 109 -4.60 -10.60 11.93
CA ARG A 109 -3.43 -10.69 11.08
C ARG A 109 -3.66 -10.18 9.67
N LYS A 110 -4.91 -10.13 9.23
CA LYS A 110 -5.25 -10.03 7.82
C LYS A 110 -6.05 -8.79 7.46
N TRP A 111 -7.04 -8.41 8.26
CA TRP A 111 -7.84 -7.24 7.95
C TRP A 111 -7.19 -5.94 8.42
N ILE A 112 -6.10 -6.04 9.18
CA ILE A 112 -5.37 -4.83 9.55
C ILE A 112 -4.64 -4.23 8.35
N GLN A 113 -4.48 -5.00 7.28
CA GLN A 113 -3.86 -4.48 6.07
C GLN A 113 -4.73 -3.44 5.37
N CYS A 114 -6.04 -3.48 5.60
CA CYS A 114 -6.93 -2.53 4.94
C CYS A 114 -6.67 -1.11 5.39
N PHE A 115 -6.05 -0.92 6.56
CA PHE A 115 -5.84 0.40 7.12
C PHE A 115 -4.48 0.99 6.76
N ASN A 116 -3.91 0.58 5.63
CA ASN A 116 -2.56 1.04 5.29
C ASN A 116 -2.55 2.53 4.98
N ASP A 117 -3.52 3.00 4.20
CA ASP A 117 -3.60 4.42 3.85
C ASP A 117 -4.38 5.19 4.92
N VAL A 118 -3.87 5.11 6.13
CA VAL A 118 -4.48 5.74 7.30
C VAL A 118 -3.45 6.66 7.94
N THR A 119 -3.89 7.83 8.41
CA THR A 119 -2.97 8.84 8.91
C THR A 119 -2.16 8.32 10.09
N ALA A 120 -2.81 7.68 11.06
CA ALA A 120 -2.10 7.24 12.25
C ALA A 120 -2.89 6.15 12.96
N ILE A 121 -2.22 5.48 13.90
CA ILE A 121 -2.82 4.46 14.75
C ILE A 121 -2.79 4.96 16.18
N ILE A 122 -3.91 4.84 16.88
CA ILE A 122 -3.99 5.18 18.29
C ILE A 122 -3.75 3.91 19.09
N PHE A 123 -2.90 3.99 20.10
CA PHE A 123 -2.57 2.83 20.92
C PHE A 123 -2.96 3.14 22.36
N VAL A 124 -4.20 2.86 22.71
CA VAL A 124 -4.66 3.00 24.08
C VAL A 124 -4.29 1.74 24.86
N VAL A 125 -3.53 1.92 25.93
CA VAL A 125 -2.98 0.80 26.69
C VAL A 125 -3.33 0.95 28.16
N ASP A 126 -3.63 -0.17 28.80
CA ASP A 126 -3.77 -0.18 30.25
C ASP A 126 -2.45 0.16 30.92
N SER A 127 -2.53 0.99 31.96
CA SER A 127 -1.35 1.40 32.68
C SER A 127 -1.28 0.89 34.11
N SER A 128 -2.41 0.49 34.69
CA SER A 128 -2.41 -0.03 36.06
C SER A 128 -2.13 -1.53 36.11
N ASP A 129 -2.92 -2.32 35.38
CA ASP A 129 -2.81 -3.77 35.42
C ASP A 129 -1.56 -4.19 34.68
N TYR A 130 -0.49 -4.46 35.43
CA TYR A 130 0.78 -4.78 34.79
C TYR A 130 0.81 -6.20 34.21
N ASN A 131 -0.19 -7.02 34.50
CA ASN A 131 -0.13 -8.42 34.06
C ASN A 131 -0.16 -8.52 32.54
N ARG A 132 -0.93 -7.65 31.88
CA ARG A 132 -1.02 -7.66 30.43
C ARG A 132 -0.04 -6.67 29.78
N LEU A 133 0.82 -6.03 30.57
CA LEU A 133 1.75 -5.06 29.99
C LEU A 133 2.73 -5.75 29.04
N GLN A 134 3.15 -6.96 29.35
CA GLN A 134 4.03 -7.69 28.44
C GLN A 134 3.35 -7.96 27.10
N GLU A 135 2.08 -8.35 27.15
CA GLU A 135 1.31 -8.50 25.92
C GLU A 135 1.23 -7.17 25.18
N ALA A 136 1.13 -6.06 25.92
CA ALA A 136 1.10 -4.76 25.27
C ALA A 136 2.43 -4.44 24.58
N LEU A 137 3.54 -4.71 25.25
CA LEU A 137 4.85 -4.58 24.60
C LEU A 137 4.92 -5.39 23.32
N ASN A 138 4.48 -6.64 23.39
CA ASN A 138 4.55 -7.50 22.21
C ASN A 138 3.68 -6.94 21.10
N LEU A 139 2.50 -6.45 21.45
CA LEU A 139 1.58 -5.92 20.46
C LEU A 139 2.17 -4.70 19.78
N PHE A 140 2.78 -3.80 20.56
CA PHE A 140 3.43 -2.64 19.97
C PHE A 140 4.58 -3.04 19.06
N LYS A 141 5.38 -4.01 19.50
CA LYS A 141 6.51 -4.45 18.69
C LYS A 141 6.05 -5.04 17.37
N SER A 142 4.94 -5.78 17.40
CA SER A 142 4.41 -6.33 16.16
C SER A 142 3.92 -5.23 15.23
N ILE A 143 3.29 -4.19 15.77
CA ILE A 143 2.74 -3.13 14.95
C ILE A 143 3.85 -2.38 14.22
N TRP A 144 4.93 -2.05 14.94
CA TRP A 144 5.99 -1.24 14.36
C TRP A 144 6.70 -1.96 13.22
N ASN A 145 6.97 -3.25 13.38
CA ASN A 145 7.80 -3.98 12.45
C ASN A 145 7.00 -4.67 11.36
N ASN A 146 5.69 -4.44 11.30
CA ASN A 146 4.89 -5.06 10.25
C ASN A 146 5.31 -4.53 8.89
N ARG A 147 5.28 -5.43 7.90
CA ARG A 147 5.76 -5.15 6.55
C ARG A 147 4.72 -4.48 5.65
N TRP A 148 3.67 -3.90 6.23
CA TRP A 148 2.89 -2.87 5.54
C TRP A 148 2.45 -1.72 6.43
N LEU A 149 2.74 -1.76 7.72
CA LEU A 149 2.41 -0.66 8.61
C LEU A 149 3.64 0.20 8.92
N ARG A 150 4.77 -0.06 8.28
CA ARG A 150 5.98 0.68 8.58
C ARG A 150 5.93 2.12 8.07
N THR A 151 4.97 2.45 7.20
CA THR A 151 4.86 3.80 6.69
C THR A 151 4.05 4.70 7.59
N ILE A 152 3.12 4.14 8.37
CA ILE A 152 2.21 4.95 9.17
C ILE A 152 2.72 5.06 10.60
N SER A 153 2.55 6.24 11.18
CA SER A 153 3.02 6.49 12.54
C SER A 153 2.05 5.91 13.56
N VAL A 154 2.52 5.78 14.80
CA VAL A 154 1.73 5.23 15.89
C VAL A 154 1.64 6.26 17.00
N ILE A 155 0.43 6.51 17.49
CA ILE A 155 0.20 7.43 18.60
C ILE A 155 -0.05 6.58 19.84
N LEU A 156 0.60 6.94 20.94
CA LEU A 156 0.56 6.16 22.17
C LEU A 156 -0.27 6.90 23.20
N PHE A 157 -1.33 6.25 23.68
CA PHE A 157 -2.10 6.74 24.83
C PHE A 157 -1.87 5.82 26.01
N LEU A 158 -1.35 6.38 27.11
CA LEU A 158 -1.22 5.64 28.36
C LEU A 158 -2.44 5.99 29.21
N ASN A 159 -3.56 5.34 28.91
CA ASN A 159 -4.81 5.61 29.59
C ASN A 159 -4.76 5.06 31.02
N LYS A 160 -5.79 5.41 31.79
CA LYS A 160 -5.93 4.99 33.19
C LYS A 160 -4.76 5.52 34.03
N GLN A 161 -4.68 6.85 34.11
CA GLN A 161 -3.64 7.46 34.92
C GLN A 161 -4.10 7.64 36.37
N ASP A 162 -5.38 7.94 36.58
CA ASP A 162 -5.87 8.07 37.94
C ASP A 162 -5.80 6.72 38.66
N LEU A 163 -6.16 5.64 37.98
CA LEU A 163 -6.03 4.32 38.58
C LEU A 163 -4.57 3.99 38.90
N LEU A 164 -3.65 4.32 37.98
CA LEU A 164 -2.24 4.06 38.24
C LEU A 164 -1.74 4.86 39.43
N ALA A 165 -2.10 6.14 39.50
CA ALA A 165 -1.68 6.97 40.63
C ALA A 165 -2.24 6.43 41.93
N GLU A 166 -3.52 6.04 41.93
CA GLU A 166 -4.13 5.52 43.15
C GLU A 166 -3.47 4.23 43.60
N LYS A 167 -3.15 3.34 42.66
CA LYS A 167 -2.70 2.01 43.04
C LYS A 167 -1.20 1.98 43.32
N VAL A 168 -0.44 2.92 42.74
CA VAL A 168 0.96 3.06 43.12
C VAL A 168 1.09 3.54 44.55
N LEU A 169 0.24 4.51 44.95
CA LEU A 169 0.28 5.00 46.33
C LEU A 169 0.03 3.88 47.33
N ALA A 170 -0.88 2.95 47.02
CA ALA A 170 -1.08 1.80 47.88
C ALA A 170 0.17 0.94 47.95
N GLY A 171 0.82 0.70 46.83
CA GLY A 171 2.05 -0.07 46.79
C GLY A 171 1.87 -1.57 46.95
N LYS A 172 0.64 -2.06 46.95
CA LYS A 172 0.39 -3.48 47.16
C LYS A 172 0.75 -4.31 45.93
N SER A 173 0.69 -3.72 44.75
CA SER A 173 0.90 -4.48 43.51
C SER A 173 2.34 -4.94 43.37
N LYS A 174 3.30 -4.19 43.91
CA LYS A 174 4.72 -4.51 43.83
C LYS A 174 5.16 -4.61 42.36
N ILE A 175 5.10 -3.45 41.70
CA ILE A 175 5.44 -3.34 40.27
C ILE A 175 6.82 -3.93 39.97
N GLU A 176 7.71 -3.97 40.95
CA GLU A 176 9.04 -4.52 40.71
C GLU A 176 9.00 -6.02 40.43
N ASP A 177 7.91 -6.70 40.78
CA ASP A 177 7.84 -8.13 40.53
C ASP A 177 7.82 -8.44 39.05
N TYR A 178 6.94 -7.79 38.29
CA TYR A 178 6.76 -8.11 36.88
C TYR A 178 7.93 -7.66 36.03
N PHE A 179 8.70 -6.69 36.50
CA PHE A 179 9.91 -6.25 35.81
C PHE A 179 11.02 -6.06 36.84
N PRO A 180 11.96 -7.00 36.94
CA PRO A 180 13.04 -6.85 37.93
C PRO A 180 13.95 -5.67 37.66
N GLU A 181 14.08 -5.20 36.42
CA GLU A 181 14.94 -4.06 36.14
C GLU A 181 14.26 -2.73 36.43
N PHE A 182 13.01 -2.77 36.89
CA PHE A 182 12.30 -1.54 37.26
C PHE A 182 13.03 -0.76 38.33
N ALA A 183 13.61 -1.45 39.32
CA ALA A 183 14.29 -0.76 40.41
C ALA A 183 15.58 -0.11 39.94
N ARG A 184 16.36 -0.79 39.10
CA ARG A 184 17.63 -0.28 38.61
C ARG A 184 17.40 0.81 37.55
N TYR A 185 16.71 1.86 37.97
CA TYR A 185 16.23 2.87 37.04
C TYR A 185 15.99 4.17 37.81
N THR A 186 16.12 5.28 37.11
CA THR A 186 15.89 6.60 37.69
C THR A 186 15.10 7.45 36.71
N THR A 187 14.53 8.53 37.22
CA THR A 187 13.69 9.38 36.38
C THR A 187 14.54 10.01 35.28
N PRO A 188 14.03 10.06 34.05
CA PRO A 188 14.74 10.77 32.98
C PRO A 188 14.93 12.24 33.33
N GLU A 189 16.04 12.79 32.85
CA GLU A 189 16.37 14.18 33.17
C GLU A 189 15.33 15.13 32.59
N ASP A 190 14.73 14.78 31.45
CA ASP A 190 13.74 15.61 30.79
C ASP A 190 12.32 15.37 31.30
N ALA A 191 12.19 14.79 32.50
CA ALA A 191 10.86 14.56 33.07
C ALA A 191 10.19 15.89 33.41
N THR A 192 8.91 15.98 33.13
CA THR A 192 8.10 17.18 33.39
C THR A 192 6.87 16.74 34.17
N PRO A 193 6.98 16.59 35.49
CA PRO A 193 5.84 16.13 36.27
C PRO A 193 4.91 17.27 36.65
N GLU A 194 3.62 16.95 36.75
CA GLU A 194 2.66 17.88 37.30
C GLU A 194 2.98 18.13 38.78
N PRO A 195 2.86 19.38 39.24
CA PRO A 195 3.33 19.69 40.60
C PRO A 195 2.66 18.89 41.70
N GLY A 196 1.42 18.47 41.52
CA GLY A 196 0.72 17.69 42.52
C GLY A 196 0.98 16.20 42.47
N GLU A 197 1.98 15.75 41.71
CA GLU A 197 2.25 14.34 41.54
C GLU A 197 3.15 13.81 42.66
N ASP A 198 3.57 12.56 42.52
CA ASP A 198 4.39 11.85 43.49
C ASP A 198 5.63 11.30 42.80
N PRO A 199 6.81 11.46 43.40
CA PRO A 199 8.02 10.90 42.78
C PRO A 199 7.92 9.42 42.44
N ARG A 200 7.29 8.60 43.27
CA ARG A 200 7.21 7.18 42.96
C ARG A 200 6.36 6.93 41.73
N VAL A 201 5.16 7.52 41.68
CA VAL A 201 4.27 7.25 40.55
C VAL A 201 4.87 7.80 39.26
N THR A 202 5.46 9.00 39.32
CA THR A 202 6.09 9.54 38.12
C THR A 202 7.28 8.70 37.68
N ARG A 203 8.07 8.20 38.63
CA ARG A 203 9.25 7.43 38.26
C ARG A 203 8.85 6.13 37.59
N ALA A 204 7.85 5.45 38.14
CA ALA A 204 7.33 4.23 37.52
C ALA A 204 6.72 4.52 36.16
N LYS A 205 6.02 5.64 36.04
CA LYS A 205 5.30 5.96 34.82
C LYS A 205 6.24 6.30 33.68
N TYR A 206 7.30 7.05 33.98
CA TYR A 206 8.31 7.28 32.96
C TYR A 206 9.10 6.01 32.69
N PHE A 207 9.18 5.10 33.65
CA PHE A 207 9.75 3.78 33.36
C PHE A 207 8.94 3.08 32.27
N ILE A 208 7.62 3.10 32.40
CA ILE A 208 6.77 2.47 31.39
C ILE A 208 6.98 3.16 30.04
N ARG A 209 6.98 4.49 30.02
CA ARG A 209 7.19 5.20 28.76
C ARG A 209 8.50 4.80 28.13
N ASP A 210 9.59 4.87 28.89
CA ASP A 210 10.91 4.60 28.33
C ASP A 210 11.02 3.15 27.88
N GLU A 211 10.34 2.23 28.56
CA GLU A 211 10.48 0.83 28.18
C GLU A 211 9.71 0.56 26.90
N PHE A 212 8.64 1.34 26.65
CA PHE A 212 8.05 1.28 25.31
C PHE A 212 8.96 1.91 24.26
N LEU A 213 9.55 3.07 24.57
CA LEU A 213 10.33 3.79 23.57
C LEU A 213 11.62 3.07 23.19
N ARG A 214 12.19 2.27 24.10
CA ARG A 214 13.35 1.48 23.70
C ARG A 214 12.97 0.48 22.60
N ILE A 215 11.73 -0.01 22.64
CA ILE A 215 11.22 -0.78 21.52
C ILE A 215 10.98 0.12 20.32
N SER A 216 10.49 1.34 20.58
CA SER A 216 10.17 2.25 19.48
C SER A 216 11.41 2.63 18.69
N THR A 217 12.51 2.92 19.37
CA THR A 217 13.72 3.37 18.70
C THR A 217 14.47 2.23 18.02
N ALA A 218 14.37 1.01 18.56
CA ALA A 218 15.20 -0.09 18.09
C ALA A 218 15.00 -0.37 16.61
N SER A 219 13.83 -0.08 16.08
CA SER A 219 13.57 -0.24 14.65
C SER A 219 12.80 0.97 14.15
N GLY A 220 12.95 1.25 12.86
CA GLY A 220 12.33 2.41 12.26
C GLY A 220 13.35 3.45 11.84
N ASP A 221 13.67 3.49 10.55
CA ASP A 221 14.71 4.37 10.03
C ASP A 221 14.15 5.71 9.57
N GLY A 222 13.46 6.40 10.48
CA GLY A 222 12.99 7.73 10.21
C GLY A 222 11.75 7.83 9.34
N ARG A 223 11.21 6.69 8.89
CA ARG A 223 10.02 6.72 8.05
C ARG A 223 8.77 7.07 8.86
N HIS A 224 8.63 6.47 10.04
CA HIS A 224 7.46 6.67 10.89
C HIS A 224 7.91 6.86 12.32
N TYR A 225 7.24 7.76 13.03
CA TYR A 225 7.65 8.16 14.37
C TYR A 225 6.55 7.85 15.38
N CYS A 226 6.98 7.52 16.59
CA CYS A 226 6.09 7.25 17.71
C CYS A 226 6.06 8.47 18.64
N TYR A 227 4.87 8.90 19.01
CA TYR A 227 4.69 10.05 19.88
C TYR A 227 3.83 9.67 21.07
N PRO A 228 4.39 9.49 22.26
CA PRO A 228 3.55 9.15 23.41
C PRO A 228 2.95 10.38 24.07
N HIS A 229 1.68 10.24 24.46
CA HIS A 229 0.97 11.31 25.14
C HIS A 229 0.29 10.72 26.35
N PHE A 230 0.48 11.35 27.50
CA PHE A 230 -0.08 10.86 28.75
C PHE A 230 -1.50 11.37 28.79
N THR A 231 -2.47 10.46 28.63
CA THR A 231 -3.87 10.83 28.52
C THR A 231 -4.71 9.98 29.46
N CYS A 232 -5.81 10.56 29.96
CA CYS A 232 -6.77 9.84 30.76
C CYS A 232 -8.09 9.74 30.01
N ALA A 233 -8.94 8.81 30.47
CA ALA A 233 -10.17 8.50 29.76
C ALA A 233 -11.04 9.74 29.60
N VAL A 234 -11.28 10.45 30.70
CA VAL A 234 -12.11 11.66 30.67
C VAL A 234 -11.14 12.84 30.74
N ASP A 235 -10.79 13.35 29.56
CA ASP A 235 -9.93 14.53 29.46
C ASP A 235 -10.52 15.46 28.41
N THR A 236 -10.43 16.76 28.66
CA THR A 236 -11.01 17.75 27.76
C THR A 236 -10.05 18.16 26.64
N GLU A 237 -8.79 17.74 26.69
CA GLU A 237 -7.80 18.12 25.69
C GLU A 237 -7.25 16.94 24.91
N ASN A 238 -7.99 15.83 24.85
CA ASN A 238 -7.52 14.67 24.10
C ASN A 238 -7.43 14.97 22.61
N ALA A 239 -8.35 15.79 22.09
CA ALA A 239 -8.33 16.10 20.66
C ALA A 239 -7.08 16.88 20.28
N ARG A 240 -6.61 17.77 21.15
CA ARG A 240 -5.43 18.56 20.83
C ARG A 240 -4.20 17.69 20.63
N ARG A 241 -4.05 16.65 21.45
CA ARG A 241 -2.91 15.75 21.30
C ARG A 241 -2.98 15.00 19.98
N ILE A 242 -4.18 14.56 19.58
CA ILE A 242 -4.34 13.92 18.28
C ILE A 242 -3.98 14.89 17.17
N PHE A 243 -4.44 16.14 17.28
CA PHE A 243 -4.12 17.15 16.29
C PHE A 243 -2.61 17.34 16.17
N ASN A 244 -1.93 17.46 17.30
CA ASN A 244 -0.49 17.67 17.28
C ASN A 244 0.23 16.49 16.65
N ASP A 245 -0.14 15.28 17.04
CA ASP A 245 0.54 14.10 16.51
C ASP A 245 0.31 13.96 15.00
N CYS A 246 -0.94 14.13 14.55
CA CYS A 246 -1.20 13.99 13.12
C CYS A 246 -0.52 15.11 12.34
N LYS A 247 -0.48 16.33 12.89
CA LYS A 247 0.23 17.40 12.23
C LYS A 247 1.70 17.06 12.04
N ASP A 248 2.34 16.56 13.09
CA ASP A 248 3.75 16.22 12.96
C ASP A 248 3.97 15.07 11.98
N ILE A 249 3.09 14.05 12.02
CA ILE A 249 3.26 12.92 11.13
C ILE A 249 3.13 13.33 9.67
N ILE A 250 2.08 14.10 9.35
CA ILE A 250 1.90 14.57 7.98
C ILE A 250 3.00 15.53 7.59
N LEU A 251 3.49 16.35 8.52
CA LEU A 251 4.59 17.25 8.21
C LEU A 251 5.83 16.47 7.80
N GLN A 252 6.21 15.47 8.60
CA GLN A 252 7.39 14.69 8.25
C GLN A 252 7.19 13.97 6.91
N MET A 253 6.01 13.38 6.72
CA MET A 253 5.76 12.67 5.47
C MET A 253 5.83 13.59 4.26
N ASN A 254 5.25 14.79 4.39
CA ASN A 254 5.17 15.72 3.28
C ASN A 254 6.52 16.34 2.98
N LEU A 255 7.31 16.67 4.01
CA LEU A 255 8.67 17.13 3.78
C LEU A 255 9.51 16.06 3.11
N ARG A 256 9.34 14.80 3.51
CA ARG A 256 10.03 13.72 2.81
C ARG A 256 9.54 13.62 1.38
N GLU A 257 8.27 13.96 1.13
CA GLU A 257 7.73 13.84 -0.21
C GLU A 257 8.40 14.83 -1.16
N TYR A 258 8.67 16.04 -0.69
CA TYR A 258 9.52 16.97 -1.42
C TYR A 258 10.97 16.54 -1.33
N ASN A 259 11.88 17.42 -1.77
CA ASN A 259 13.30 17.14 -1.62
C ASN A 259 13.86 17.68 -0.31
N LEU A 260 13.07 18.43 0.47
CA LEU A 260 13.58 19.05 1.68
C LEU A 260 13.97 18.03 2.74
N VAL A 261 13.48 16.79 2.64
CA VAL A 261 13.75 15.69 3.57
C VAL A 261 13.92 16.13 5.01
N GLU B 9 -9.25 -41.02 26.39
CA GLU B 9 -10.04 -41.09 25.17
C GLU B 9 -9.48 -40.13 24.11
N LEU B 10 -8.99 -38.98 24.56
CA LEU B 10 -8.42 -38.00 23.64
C LEU B 10 -7.18 -38.55 22.96
N ASP B 11 -6.34 -39.29 23.69
CA ASP B 11 -5.14 -39.88 23.10
C ASP B 11 -5.51 -40.88 22.01
N GLN B 12 -6.52 -41.72 22.27
CA GLN B 12 -6.96 -42.68 21.26
C GLN B 12 -7.53 -41.96 20.04
N LEU B 13 -8.28 -40.88 20.26
CA LEU B 13 -8.83 -40.12 19.15
C LEU B 13 -7.71 -39.51 18.30
N ARG B 14 -6.69 -38.94 18.94
CA ARG B 14 -5.57 -38.40 18.19
C ARG B 14 -4.82 -39.50 17.44
N GLN B 15 -4.65 -40.66 18.06
CA GLN B 15 -3.94 -41.76 17.41
C GLN B 15 -4.70 -42.23 16.17
N GLU B 16 -6.02 -42.41 16.28
CA GLU B 16 -6.78 -42.87 15.13
C GLU B 16 -6.89 -41.79 14.05
N ALA B 17 -6.93 -40.52 14.45
CA ALA B 17 -6.89 -39.44 13.46
C ALA B 17 -5.57 -39.45 12.71
N GLU B 18 -4.45 -39.66 13.41
CA GLU B 18 -3.16 -39.77 12.73
C GLU B 18 -3.11 -40.99 11.82
N GLN B 19 -3.73 -42.09 12.26
CA GLN B 19 -3.80 -43.28 11.42
C GLN B 19 -4.54 -43.00 10.12
N LEU B 20 -5.69 -42.32 10.23
CA LEU B 20 -6.44 -41.97 9.03
C LEU B 20 -5.66 -41.01 8.14
N LYS B 21 -4.96 -40.06 8.76
CA LYS B 21 -4.17 -39.09 7.98
C LYS B 21 -3.06 -39.78 7.21
N ASN B 22 -2.33 -40.70 7.85
CA ASN B 22 -1.27 -41.39 7.12
C ASN B 22 -1.84 -42.39 6.13
N GLN B 23 -3.04 -42.91 6.37
CA GLN B 23 -3.71 -43.71 5.36
C GLN B 23 -4.01 -42.89 4.12
N ILE B 24 -4.49 -41.65 4.31
CA ILE B 24 -4.74 -40.76 3.19
C ILE B 24 -3.43 -40.45 2.47
N ARG B 25 -2.35 -40.23 3.23
CA ARG B 25 -1.05 -39.96 2.63
C ARG B 25 -0.57 -41.15 1.81
N ASP B 26 -0.76 -42.37 2.33
CA ASP B 26 -0.37 -43.57 1.60
C ASP B 26 -1.18 -43.73 0.33
N ALA B 27 -2.48 -43.43 0.39
CA ALA B 27 -3.30 -43.47 -0.81
C ALA B 27 -2.82 -42.46 -1.84
N ARG B 28 -2.49 -41.25 -1.39
CA ARG B 28 -1.95 -40.24 -2.31
C ARG B 28 -0.66 -40.70 -2.95
N LYS B 29 0.24 -41.29 -2.16
CA LYS B 29 1.49 -41.80 -2.70
C LYS B 29 1.25 -42.91 -3.71
N ALA B 30 0.32 -43.82 -3.41
CA ALA B 30 0.03 -44.92 -4.32
C ALA B 30 -0.61 -44.44 -5.61
N CYS B 31 -1.38 -43.35 -5.55
CA CYS B 31 -2.05 -42.81 -6.74
C CYS B 31 -1.23 -41.72 -7.42
N ALA B 32 0.05 -41.62 -7.10
CA ALA B 32 0.92 -40.62 -7.72
C ALA B 32 1.63 -41.17 -8.96
N ASP B 33 2.43 -42.22 -8.78
CA ASP B 33 3.07 -42.94 -9.88
C ASP B 33 4.01 -42.06 -10.68
N ALA B 34 3.46 -41.07 -11.38
CA ALA B 34 4.27 -40.21 -12.25
C ALA B 34 3.83 -38.77 -12.06
N THR B 35 4.77 -37.86 -12.32
CA THR B 35 4.51 -36.43 -12.18
C THR B 35 4.08 -35.83 -13.51
N LEU B 36 3.37 -34.71 -13.43
CA LEU B 36 2.91 -34.03 -14.63
C LEU B 36 4.08 -33.51 -15.46
N SER B 37 5.12 -32.99 -14.80
CA SER B 37 6.23 -32.37 -15.51
C SER B 37 6.95 -33.36 -16.41
N GLN B 38 7.16 -34.59 -15.91
CA GLN B 38 7.88 -35.58 -16.69
C GLN B 38 7.12 -35.97 -17.96
N ILE B 39 5.80 -36.11 -17.86
CA ILE B 39 5.01 -36.51 -19.03
C ILE B 39 4.63 -35.33 -19.92
N THR B 40 4.82 -34.10 -19.45
CA THR B 40 4.46 -32.91 -20.21
C THR B 40 5.68 -32.14 -20.70
N ASN B 41 6.83 -32.81 -20.80
CA ASN B 41 8.05 -32.15 -21.24
C ASN B 41 8.13 -31.99 -22.75
N ASN B 42 7.20 -32.59 -23.50
CA ASN B 42 7.20 -32.51 -24.96
C ASN B 42 6.33 -31.37 -25.49
N ILE B 43 5.66 -30.62 -24.61
CA ILE B 43 4.81 -29.54 -25.06
C ILE B 43 5.66 -28.32 -25.39
N ASP B 44 5.30 -27.64 -26.46
CA ASP B 44 6.00 -26.43 -26.88
C ASP B 44 5.80 -25.31 -25.86
N PRO B 45 6.83 -24.55 -25.51
CA PRO B 45 6.64 -23.45 -24.56
C PRO B 45 5.80 -22.34 -25.16
N VAL B 46 5.09 -21.60 -24.29
CA VAL B 46 4.37 -20.42 -24.74
C VAL B 46 5.35 -19.36 -25.22
N GLY B 47 6.42 -19.13 -24.48
CA GLY B 47 7.38 -18.10 -24.81
C GLY B 47 6.98 -16.75 -24.23
N ARG B 48 7.80 -15.76 -24.53
CA ARG B 48 7.55 -14.42 -24.02
C ARG B 48 6.28 -13.85 -24.65
N ILE B 49 5.41 -13.31 -23.80
CA ILE B 49 4.15 -12.72 -24.25
C ILE B 49 4.21 -11.24 -23.92
N GLN B 50 4.72 -10.44 -24.85
CA GLN B 50 4.98 -9.02 -24.64
C GLN B 50 3.63 -8.30 -24.69
N MET B 51 3.21 -7.78 -23.55
CA MET B 51 1.88 -7.18 -23.41
C MET B 51 2.00 -5.77 -22.86
N ARG B 52 1.32 -4.83 -23.48
CA ARG B 52 1.33 -3.43 -23.09
C ARG B 52 0.02 -3.06 -22.42
N THR B 53 -0.10 -1.77 -22.10
CA THR B 53 -1.34 -1.21 -21.58
C THR B 53 -2.18 -0.67 -22.72
N ARG B 54 -3.47 -0.99 -22.70
CA ARG B 54 -4.37 -0.57 -23.78
C ARG B 54 -5.12 0.71 -23.42
N ARG B 55 -5.95 0.66 -22.39
CA ARG B 55 -6.58 1.83 -21.84
C ARG B 55 -6.58 1.71 -20.33
N THR B 56 -6.13 2.77 -19.66
CA THR B 56 -6.03 2.78 -18.21
C THR B 56 -7.34 3.32 -17.65
N LEU B 57 -7.84 2.67 -16.61
CA LEU B 57 -9.12 3.01 -16.00
C LEU B 57 -8.81 3.79 -14.73
N ARG B 58 -8.78 5.11 -14.85
CA ARG B 58 -8.48 5.99 -13.72
C ARG B 58 -9.76 6.73 -13.33
N GLY B 59 -10.45 6.20 -12.34
CA GLY B 59 -11.60 6.87 -11.78
C GLY B 59 -11.75 6.63 -10.29
N HIS B 60 -10.83 5.86 -9.73
CA HIS B 60 -10.94 5.45 -8.34
C HIS B 60 -10.13 6.37 -7.44
N LEU B 61 -10.52 6.37 -6.16
CA LEU B 61 -9.97 7.29 -5.17
C LEU B 61 -8.95 6.67 -4.24
N ALA B 62 -9.17 5.43 -3.81
CA ALA B 62 -8.24 4.75 -2.91
C ALA B 62 -7.89 3.39 -3.48
N LYS B 63 -7.22 2.57 -2.68
CA LYS B 63 -6.77 1.26 -3.12
C LYS B 63 -7.95 0.43 -3.64
N ILE B 64 -7.65 -0.44 -4.60
CA ILE B 64 -8.66 -1.29 -5.21
C ILE B 64 -8.42 -2.71 -4.73
N TYR B 65 -9.46 -3.33 -4.17
CA TYR B 65 -9.36 -4.69 -3.66
C TYR B 65 -9.97 -5.75 -4.55
N ALA B 66 -11.17 -5.53 -5.07
CA ALA B 66 -11.87 -6.57 -5.81
C ALA B 66 -12.44 -6.02 -7.10
N MET B 67 -12.41 -6.83 -8.14
CA MET B 67 -13.11 -6.54 -9.39
C MET B 67 -13.67 -7.83 -9.95
N HIS B 68 -14.73 -7.71 -10.74
CA HIS B 68 -15.38 -8.88 -11.32
C HIS B 68 -15.85 -8.52 -12.72
N TRP B 69 -15.49 -9.35 -13.70
CA TRP B 69 -15.92 -9.11 -15.07
C TRP B 69 -17.37 -9.55 -15.26
N GLY B 70 -18.11 -8.79 -16.06
CA GLY B 70 -19.45 -9.18 -16.42
C GLY B 70 -19.47 -10.29 -17.46
N THR B 71 -20.66 -10.86 -17.66
CA THR B 71 -20.80 -11.94 -18.61
C THR B 71 -20.61 -11.46 -20.05
N ASP B 72 -21.08 -10.26 -20.37
CA ASP B 72 -20.98 -9.74 -21.72
C ASP B 72 -19.57 -9.29 -22.08
N SER B 73 -18.64 -9.30 -21.13
CA SER B 73 -17.28 -8.78 -21.32
C SER B 73 -17.30 -7.31 -21.71
N ARG B 74 -18.40 -6.62 -21.39
CA ARG B 74 -18.55 -5.21 -21.69
C ARG B 74 -18.34 -4.32 -20.49
N LEU B 75 -18.94 -4.64 -19.36
CA LEU B 75 -18.91 -3.79 -18.19
C LEU B 75 -18.58 -4.62 -16.96
N LEU B 76 -17.81 -4.03 -16.06
CA LEU B 76 -17.31 -4.70 -14.87
C LEU B 76 -17.29 -3.73 -13.71
N VAL B 77 -17.32 -4.29 -12.49
CA VAL B 77 -17.40 -3.51 -11.27
C VAL B 77 -16.15 -3.76 -10.45
N SER B 78 -15.75 -2.75 -9.67
CA SER B 78 -14.54 -2.81 -8.87
C SER B 78 -14.77 -2.16 -7.52
N ALA B 79 -13.85 -2.42 -6.58
CA ALA B 79 -13.93 -1.96 -5.21
C ALA B 79 -12.92 -0.85 -4.95
N SER B 80 -13.19 -0.07 -3.91
CA SER B 80 -12.28 0.97 -3.45
C SER B 80 -12.62 1.32 -2.02
N GLN B 81 -11.60 1.71 -1.25
CA GLN B 81 -11.80 2.01 0.15
C GLN B 81 -12.61 3.28 0.38
N ASP B 82 -12.87 4.07 -0.66
CA ASP B 82 -13.65 5.28 -0.47
C ASP B 82 -15.10 4.96 -0.14
N GLY B 83 -15.63 3.88 -0.71
CA GLY B 83 -17.02 3.53 -0.51
C GLY B 83 -17.78 3.57 -1.82
N LYS B 84 -17.06 3.37 -2.91
CA LYS B 84 -17.61 3.44 -4.25
C LYS B 84 -17.69 2.05 -4.86
N LEU B 85 -18.72 1.83 -5.67
CA LEU B 85 -18.90 0.56 -6.34
C LEU B 85 -19.00 0.80 -7.84
N ILE B 86 -18.01 1.55 -8.36
CA ILE B 86 -18.03 1.99 -9.74
C ILE B 86 -18.12 0.79 -10.67
N ILE B 87 -19.00 0.89 -11.67
CA ILE B 87 -19.11 -0.10 -12.72
C ILE B 87 -18.57 0.53 -14.00
N TRP B 88 -17.58 -0.10 -14.61
CA TRP B 88 -16.87 0.47 -15.75
C TRP B 88 -17.41 -0.14 -17.04
N ASP B 89 -17.06 0.48 -18.16
CA ASP B 89 -17.39 -0.04 -19.49
C ASP B 89 -16.06 -0.25 -20.21
N SER B 90 -15.78 -1.51 -20.57
CA SER B 90 -14.42 -1.88 -20.94
C SER B 90 -13.98 -1.25 -22.26
N TYR B 91 -14.72 -1.50 -23.35
CA TYR B 91 -14.26 -1.07 -24.67
C TYR B 91 -14.21 0.45 -24.78
N THR B 92 -15.21 1.13 -24.26
CA THR B 92 -15.33 2.56 -24.40
C THR B 92 -14.75 3.33 -23.24
N THR B 93 -14.23 2.64 -22.21
CA THR B 93 -13.64 3.24 -21.02
C THR B 93 -14.60 4.27 -20.43
N ASN B 94 -15.77 3.79 -20.02
CA ASN B 94 -16.81 4.67 -19.52
C ASN B 94 -17.40 4.18 -18.20
N LYS B 95 -17.86 5.14 -17.39
CA LYS B 95 -18.52 4.86 -16.13
C LYS B 95 -20.00 4.65 -16.43
N VAL B 96 -20.48 3.41 -16.31
CA VAL B 96 -21.91 3.20 -16.53
C VAL B 96 -22.73 3.53 -15.29
N HIS B 97 -22.17 3.39 -14.09
CA HIS B 97 -22.87 3.68 -12.86
C HIS B 97 -21.87 3.94 -11.74
N ALA B 98 -22.37 4.49 -10.64
CA ALA B 98 -21.56 4.73 -9.46
C ALA B 98 -22.43 4.54 -8.23
N ILE B 99 -22.14 3.51 -7.45
CA ILE B 99 -22.95 3.14 -6.28
C ILE B 99 -22.18 3.58 -5.03
N PRO B 100 -22.65 4.59 -4.30
CA PRO B 100 -21.99 5.00 -3.06
C PRO B 100 -22.41 4.12 -1.90
N LEU B 101 -21.43 3.46 -1.27
CA LEU B 101 -21.71 2.56 -0.18
C LEU B 101 -21.83 3.33 1.14
N ARG B 102 -22.64 2.77 2.05
CA ARG B 102 -22.72 3.36 3.39
C ARG B 102 -21.43 3.19 4.16
N SER B 103 -20.89 1.97 4.18
CA SER B 103 -19.66 1.66 4.88
C SER B 103 -18.48 1.96 3.97
N SER B 104 -17.52 2.74 4.46
CA SER B 104 -16.36 3.07 3.65
C SER B 104 -15.52 1.84 3.36
N TRP B 105 -15.46 0.90 4.28
CA TRP B 105 -14.58 -0.26 4.16
C TRP B 105 -15.29 -1.36 3.39
N VAL B 106 -14.73 -1.73 2.25
CA VAL B 106 -15.27 -2.80 1.42
C VAL B 106 -14.13 -3.74 1.07
N MET B 107 -14.45 -5.02 0.89
CA MET B 107 -13.44 -6.01 0.57
C MET B 107 -13.83 -6.99 -0.52
N THR B 108 -15.08 -6.99 -0.98
CA THR B 108 -15.53 -7.94 -1.98
C THR B 108 -16.46 -7.27 -2.98
N CYS B 109 -16.47 -7.79 -4.20
CA CYS B 109 -17.39 -7.35 -5.23
C CYS B 109 -17.79 -8.53 -6.10
N ALA B 110 -19.07 -8.56 -6.50
CA ALA B 110 -19.57 -9.55 -7.44
C ALA B 110 -20.55 -8.87 -8.39
N TYR B 111 -20.59 -9.37 -9.63
CA TYR B 111 -21.53 -8.91 -10.63
C TYR B 111 -22.48 -10.05 -10.96
N ALA B 112 -23.77 -9.81 -10.80
CA ALA B 112 -24.74 -10.86 -11.06
C ALA B 112 -24.78 -11.18 -12.56
N PRO B 113 -24.64 -12.45 -12.93
CA PRO B 113 -24.60 -12.77 -14.36
C PRO B 113 -25.85 -12.37 -15.11
N SER B 114 -26.98 -12.20 -14.42
CA SER B 114 -28.16 -11.65 -15.07
C SER B 114 -27.94 -10.21 -15.51
N GLY B 115 -26.91 -9.54 -15.00
CA GLY B 115 -26.59 -8.20 -15.40
C GLY B 115 -27.40 -7.11 -14.73
N ASN B 116 -28.21 -7.45 -13.73
CA ASN B 116 -29.07 -6.47 -13.10
C ASN B 116 -28.70 -6.19 -11.65
N TYR B 117 -27.86 -7.02 -11.03
CA TYR B 117 -27.51 -6.86 -9.63
C TYR B 117 -26.00 -6.80 -9.44
N VAL B 118 -25.58 -6.06 -8.41
CA VAL B 118 -24.18 -5.97 -8.00
C VAL B 118 -24.13 -6.10 -6.48
N ALA B 119 -23.16 -6.87 -5.98
CA ALA B 119 -23.00 -7.09 -4.56
C ALA B 119 -21.76 -6.38 -4.05
N CYS B 120 -21.65 -6.33 -2.72
CA CYS B 120 -20.51 -5.74 -2.04
C CYS B 120 -20.46 -6.31 -0.63
N GLY B 121 -19.42 -5.93 0.11
CA GLY B 121 -19.27 -6.37 1.49
C GLY B 121 -18.45 -5.40 2.29
N GLY B 122 -17.79 -5.91 3.33
CA GLY B 122 -16.90 -5.08 4.11
C GLY B 122 -16.94 -5.45 5.58
N LEU B 123 -16.27 -4.62 6.38
CA LEU B 123 -16.15 -4.83 7.81
C LEU B 123 -17.48 -4.74 8.54
N ASP B 124 -18.48 -4.08 7.95
CA ASP B 124 -19.76 -3.88 8.62
C ASP B 124 -20.55 -5.17 8.78
N ASN B 125 -20.01 -6.30 8.31
CA ASN B 125 -20.67 -7.61 8.40
C ASN B 125 -21.97 -7.64 7.59
N ILE B 126 -22.11 -6.74 6.63
CA ILE B 126 -23.29 -6.65 5.78
C ILE B 126 -22.87 -6.83 4.34
N CYS B 127 -23.45 -7.82 3.66
CA CYS B 127 -23.17 -8.07 2.25
C CYS B 127 -24.26 -7.42 1.40
N SER B 128 -24.19 -6.09 1.34
CA SER B 128 -25.27 -5.31 0.75
C SER B 128 -25.50 -5.68 -0.71
N ILE B 129 -26.77 -5.68 -1.11
CA ILE B 129 -27.18 -6.05 -2.46
C ILE B 129 -27.85 -4.84 -3.11
N TYR B 130 -27.41 -4.51 -4.32
CA TYR B 130 -27.90 -3.35 -5.05
C TYR B 130 -28.50 -3.80 -6.37
N ASN B 131 -29.51 -3.07 -6.84
CA ASN B 131 -30.15 -3.32 -8.12
C ASN B 131 -29.75 -2.26 -9.13
N LEU B 132 -29.82 -2.63 -10.41
CA LEU B 132 -29.43 -1.74 -11.49
C LEU B 132 -30.60 -1.26 -12.34
N LYS B 133 -31.37 -2.18 -12.92
CA LYS B 133 -32.50 -1.79 -13.77
C LYS B 133 -33.69 -1.48 -12.86
N THR B 134 -33.93 -0.18 -12.65
CA THR B 134 -35.00 0.29 -11.79
C THR B 134 -35.83 1.33 -12.53
N ARG B 135 -37.10 1.44 -12.15
CA ARG B 135 -37.99 2.39 -12.80
C ARG B 135 -37.55 3.82 -12.56
N GLU B 136 -37.17 4.15 -11.32
CA GLU B 136 -36.77 5.51 -11.01
C GLU B 136 -35.42 5.88 -11.62
N GLY B 137 -34.62 4.89 -12.02
CA GLY B 137 -33.35 5.13 -12.65
C GLY B 137 -32.18 5.35 -11.71
N ASN B 138 -32.40 5.33 -10.41
CA ASN B 138 -31.34 5.52 -9.43
C ASN B 138 -31.12 4.23 -8.65
N VAL B 139 -29.86 3.87 -8.44
CA VAL B 139 -29.53 2.65 -7.74
C VAL B 139 -29.95 2.76 -6.28
N ARG B 140 -30.16 1.61 -5.64
CA ARG B 140 -30.61 1.57 -4.26
C ARG B 140 -30.28 0.22 -3.66
N VAL B 141 -30.41 0.13 -2.35
CA VAL B 141 -30.13 -1.12 -1.63
C VAL B 141 -31.28 -2.09 -1.88
N SER B 142 -30.94 -3.27 -2.42
CA SER B 142 -31.96 -4.28 -2.67
C SER B 142 -32.28 -5.05 -1.40
N ARG B 143 -31.26 -5.55 -0.71
CA ARG B 143 -31.46 -6.29 0.51
C ARG B 143 -30.13 -6.33 1.28
N GLU B 144 -30.21 -6.10 2.58
CA GLU B 144 -29.03 -5.99 3.45
C GLU B 144 -28.85 -7.32 4.14
N LEU B 145 -28.14 -8.24 3.48
CA LEU B 145 -27.94 -9.57 4.02
C LEU B 145 -27.07 -9.50 5.26
N ALA B 146 -27.54 -10.08 6.36
CA ALA B 146 -26.90 -9.97 7.66
C ALA B 146 -26.94 -11.32 8.38
N GLY B 147 -25.99 -11.49 9.29
CA GLY B 147 -25.91 -12.73 10.05
C GLY B 147 -24.50 -13.16 10.38
N HIS B 148 -23.51 -12.68 9.63
CA HIS B 148 -22.12 -12.96 9.97
C HIS B 148 -21.67 -12.11 11.15
N THR B 149 -20.53 -12.50 11.70
CA THR B 149 -19.80 -11.72 12.69
C THR B 149 -18.46 -11.24 12.18
N GLY B 150 -17.67 -12.12 11.57
CA GLY B 150 -16.36 -11.76 11.06
C GLY B 150 -16.46 -10.87 9.83
N TYR B 151 -15.30 -10.35 9.45
CA TYR B 151 -15.23 -9.47 8.30
C TYR B 151 -15.46 -10.24 7.00
N LEU B 152 -16.14 -9.60 6.06
CA LEU B 152 -16.57 -10.26 4.84
C LEU B 152 -15.45 -10.23 3.82
N SER B 153 -15.24 -11.36 3.12
CA SER B 153 -14.05 -11.52 2.29
C SER B 153 -14.34 -11.56 0.79
N CYS B 154 -15.16 -12.49 0.32
CA CYS B 154 -15.45 -12.57 -1.12
C CYS B 154 -16.90 -12.98 -1.31
N CYS B 155 -17.50 -12.51 -2.40
CA CYS B 155 -18.89 -12.82 -2.72
C CYS B 155 -19.02 -13.08 -4.22
N ARG B 156 -19.89 -14.02 -4.57
CA ARG B 156 -20.23 -14.32 -5.96
C ARG B 156 -21.69 -14.72 -6.02
N PHE B 157 -22.29 -14.54 -7.19
CA PHE B 157 -23.70 -14.81 -7.39
C PHE B 157 -23.87 -16.21 -7.95
N LEU B 158 -24.50 -17.10 -7.17
CA LEU B 158 -24.86 -18.41 -7.70
C LEU B 158 -25.93 -18.29 -8.77
N ASP B 159 -26.94 -17.47 -8.51
CA ASP B 159 -28.00 -17.22 -9.48
C ASP B 159 -28.49 -15.79 -9.25
N ASP B 160 -29.66 -15.49 -9.79
CA ASP B 160 -30.19 -14.13 -9.68
C ASP B 160 -30.74 -13.84 -8.29
N ASN B 161 -30.92 -14.87 -7.44
CA ASN B 161 -31.57 -14.71 -6.15
C ASN B 161 -30.77 -15.22 -4.96
N GLN B 162 -29.63 -15.88 -5.20
CA GLN B 162 -28.81 -16.42 -4.12
C GLN B 162 -27.35 -15.99 -4.33
N ILE B 163 -26.64 -15.77 -3.22
CA ILE B 163 -25.21 -15.48 -3.28
C ILE B 163 -24.50 -16.32 -2.23
N VAL B 164 -23.32 -16.80 -2.58
CA VAL B 164 -22.43 -17.50 -1.66
C VAL B 164 -21.31 -16.53 -1.31
N THR B 165 -21.09 -16.33 -0.02
CA THR B 165 -20.26 -15.24 0.44
C THR B 165 -19.37 -15.69 1.60
N SER B 166 -18.13 -15.27 1.59
CA SER B 166 -17.12 -15.71 2.54
C SER B 166 -16.78 -14.58 3.52
N SER B 167 -16.76 -14.92 4.80
CA SER B 167 -16.55 -13.94 5.86
C SER B 167 -15.32 -14.31 6.69
N GLY B 168 -15.07 -13.51 7.72
CA GLY B 168 -13.97 -13.67 8.64
C GLY B 168 -14.30 -14.33 9.96
N ASP B 169 -15.43 -15.05 10.03
CA ASP B 169 -15.77 -15.83 11.20
C ASP B 169 -15.60 -17.33 10.98
N THR B 170 -14.79 -17.71 10.00
CA THR B 170 -14.58 -19.11 9.60
C THR B 170 -15.87 -19.81 9.21
N THR B 171 -16.93 -19.07 8.92
CA THR B 171 -18.18 -19.65 8.46
C THR B 171 -18.60 -19.00 7.15
N CYS B 172 -19.01 -19.82 6.20
CA CYS B 172 -19.46 -19.37 4.89
C CYS B 172 -20.96 -19.55 4.80
N ALA B 173 -21.67 -18.48 4.43
CA ALA B 173 -23.12 -18.49 4.38
C ALA B 173 -23.60 -18.36 2.95
N LEU B 174 -24.54 -19.22 2.56
CA LEU B 174 -25.25 -19.14 1.30
C LEU B 174 -26.62 -18.54 1.58
N TRP B 175 -27.01 -17.56 0.78
CA TRP B 175 -28.12 -16.69 1.12
C TRP B 175 -29.27 -16.85 0.14
N ASP B 176 -30.31 -16.05 0.38
CA ASP B 176 -31.47 -15.93 -0.51
C ASP B 176 -31.97 -14.49 -0.36
N ILE B 177 -31.67 -13.65 -1.34
CA ILE B 177 -32.01 -12.23 -1.24
C ILE B 177 -33.52 -12.05 -1.07
N GLU B 178 -34.31 -12.92 -1.69
CA GLU B 178 -35.76 -12.80 -1.58
C GLU B 178 -36.22 -12.97 -0.14
N THR B 179 -35.63 -13.91 0.59
CA THR B 179 -36.01 -14.16 1.97
C THR B 179 -35.07 -13.53 2.98
N GLY B 180 -33.84 -13.21 2.60
CA GLY B 180 -32.88 -12.62 3.51
C GLY B 180 -32.51 -13.52 4.68
N GLN B 181 -32.36 -14.82 4.41
CA GLN B 181 -32.04 -15.81 5.42
C GLN B 181 -30.88 -16.67 4.93
N GLN B 182 -30.07 -17.13 5.87
CA GLN B 182 -28.92 -17.98 5.55
C GLN B 182 -29.45 -19.38 5.25
N THR B 183 -29.42 -19.75 3.97
CA THR B 183 -29.92 -21.06 3.58
C THR B 183 -29.07 -22.18 4.17
N THR B 184 -27.76 -22.03 4.15
CA THR B 184 -26.88 -23.10 4.59
C THR B 184 -25.65 -22.48 5.23
N THR B 185 -25.03 -23.21 6.16
CA THR B 185 -23.79 -22.80 6.80
C THR B 185 -22.71 -23.83 6.51
N PHE B 186 -21.54 -23.35 6.10
CA PHE B 186 -20.40 -24.22 5.78
C PHE B 186 -19.33 -23.99 6.84
N THR B 187 -19.42 -24.75 7.93
CA THR B 187 -18.51 -24.61 9.06
C THR B 187 -17.58 -25.82 9.08
N GLY B 188 -16.47 -25.71 8.35
CA GLY B 188 -15.48 -26.77 8.32
C GLY B 188 -14.05 -26.28 8.32
N HIS B 189 -13.87 -24.95 8.30
CA HIS B 189 -12.56 -24.34 8.32
C HIS B 189 -12.18 -23.92 9.73
N THR B 190 -10.87 -23.90 9.98
CA THR B 190 -10.32 -23.43 11.24
C THR B 190 -10.01 -21.94 11.22
N GLY B 191 -9.30 -21.47 10.19
CA GLY B 191 -9.01 -20.07 10.02
C GLY B 191 -10.03 -19.39 9.11
N ASP B 192 -9.82 -18.09 8.93
CA ASP B 192 -10.77 -17.29 8.17
C ASP B 192 -10.60 -17.56 6.68
N VAL B 193 -11.71 -17.83 6.01
CA VAL B 193 -11.68 -18.10 4.57
C VAL B 193 -11.48 -16.79 3.81
N MET B 194 -10.66 -16.83 2.78
CA MET B 194 -10.34 -15.64 2.02
C MET B 194 -11.13 -15.51 0.74
N SER B 195 -11.06 -16.48 -0.17
CA SER B 195 -11.67 -16.35 -1.48
C SER B 195 -12.27 -17.69 -1.92
N LEU B 196 -13.44 -17.61 -2.55
CA LEU B 196 -14.06 -18.76 -3.17
C LEU B 196 -14.48 -18.39 -4.59
N SER B 197 -14.37 -19.35 -5.50
CA SER B 197 -14.65 -19.12 -6.90
C SER B 197 -15.78 -20.02 -7.35
N LEU B 198 -16.40 -19.66 -8.47
CA LEU B 198 -17.56 -20.38 -8.99
C LEU B 198 -17.12 -21.33 -10.09
N ALA B 199 -17.42 -22.61 -9.92
CA ALA B 199 -17.26 -23.57 -10.99
C ALA B 199 -18.35 -23.35 -12.03
N PRO B 200 -18.08 -23.69 -13.30
CA PRO B 200 -19.08 -23.46 -14.35
C PRO B 200 -20.38 -24.20 -14.13
N ASP B 201 -20.36 -25.31 -13.41
CA ASP B 201 -21.58 -26.06 -13.09
C ASP B 201 -22.45 -25.36 -12.07
N THR B 202 -21.93 -24.32 -11.40
CA THR B 202 -22.67 -23.51 -10.45
C THR B 202 -23.31 -24.41 -9.39
N ARG B 203 -22.56 -25.42 -8.96
CA ARG B 203 -22.95 -26.26 -7.84
C ARG B 203 -21.81 -26.56 -6.88
N LEU B 204 -20.59 -26.19 -7.20
CA LEU B 204 -19.43 -26.46 -6.38
C LEU B 204 -18.59 -25.19 -6.23
N PHE B 205 -17.88 -25.09 -5.12
CA PHE B 205 -16.93 -24.01 -4.90
C PHE B 205 -15.90 -24.46 -3.86
N VAL B 206 -14.72 -23.86 -3.94
CA VAL B 206 -13.62 -24.16 -3.04
C VAL B 206 -13.33 -22.94 -2.18
N SER B 207 -13.19 -23.17 -0.88
CA SER B 207 -12.96 -22.10 0.08
C SER B 207 -11.60 -22.28 0.74
N GLY B 208 -10.78 -21.25 0.67
CA GLY B 208 -9.43 -21.28 1.20
C GLY B 208 -9.30 -20.37 2.41
N ALA B 209 -8.90 -20.97 3.54
CA ALA B 209 -8.78 -20.24 4.79
C ALA B 209 -7.31 -19.91 5.04
N CYS B 210 -7.06 -19.29 6.18
CA CYS B 210 -5.71 -18.90 6.56
C CYS B 210 -4.93 -20.04 7.19
N ASP B 211 -5.38 -21.28 7.01
CA ASP B 211 -4.67 -22.46 7.49
C ASP B 211 -3.96 -23.19 6.36
N ALA B 212 -3.70 -22.49 5.24
CA ALA B 212 -3.01 -23.06 4.09
C ALA B 212 -3.74 -24.29 3.55
N SER B 213 -5.06 -24.25 3.58
CA SER B 213 -5.89 -25.36 3.14
C SER B 213 -7.03 -24.85 2.26
N ALA B 214 -7.44 -25.68 1.31
CA ALA B 214 -8.60 -25.40 0.47
C ALA B 214 -9.57 -26.57 0.62
N LYS B 215 -10.78 -26.29 1.07
CA LYS B 215 -11.81 -27.29 1.29
C LYS B 215 -12.92 -27.10 0.27
N LEU B 216 -13.29 -28.17 -0.42
CA LEU B 216 -14.29 -28.12 -1.48
C LEU B 216 -15.67 -28.28 -0.85
N TRP B 217 -16.56 -27.36 -1.17
CA TRP B 217 -17.94 -27.42 -0.74
C TRP B 217 -18.88 -27.61 -1.92
N ASP B 218 -19.96 -28.34 -1.68
CA ASP B 218 -21.02 -28.53 -2.66
C ASP B 218 -22.20 -27.65 -2.26
N VAL B 219 -22.81 -27.00 -3.24
CA VAL B 219 -23.80 -25.97 -2.95
C VAL B 219 -25.08 -26.60 -2.39
N ARG B 220 -25.56 -27.67 -3.00
CA ARG B 220 -26.86 -28.23 -2.62
C ARG B 220 -26.85 -28.81 -1.22
N GLU B 221 -26.12 -29.91 -1.01
CA GLU B 221 -26.12 -30.57 0.28
C GLU B 221 -25.32 -29.82 1.34
N GLY B 222 -24.48 -28.88 0.92
CA GLY B 222 -23.80 -28.01 1.87
C GLY B 222 -22.85 -28.70 2.83
N MET B 223 -22.03 -29.62 2.32
CA MET B 223 -21.05 -30.29 3.15
C MET B 223 -19.69 -30.28 2.45
N CYS B 224 -18.63 -30.36 3.24
CA CYS B 224 -17.27 -30.35 2.72
C CYS B 224 -17.01 -31.69 2.05
N ARG B 225 -17.09 -31.72 0.72
CA ARG B 225 -16.84 -32.96 -0.01
C ARG B 225 -15.40 -33.43 0.19
N GLN B 226 -14.45 -32.51 0.14
CA GLN B 226 -13.05 -32.87 0.29
C GLN B 226 -12.26 -31.63 0.64
N THR B 227 -10.99 -31.85 0.99
CA THR B 227 -10.07 -30.78 1.35
C THR B 227 -8.76 -30.94 0.59
N PHE B 228 -8.05 -29.83 0.45
CA PHE B 228 -6.76 -29.81 -0.24
C PHE B 228 -5.74 -29.09 0.63
N THR B 229 -4.52 -29.62 0.66
CA THR B 229 -3.48 -29.10 1.54
C THR B 229 -2.15 -29.18 0.81
N GLY B 230 -1.18 -28.41 1.30
CA GLY B 230 0.15 -28.41 0.71
C GLY B 230 0.83 -27.05 0.74
N HIS B 231 0.09 -26.02 1.13
CA HIS B 231 0.69 -24.70 1.25
C HIS B 231 1.29 -24.51 2.63
N GLU B 232 2.21 -23.54 2.73
CA GLU B 232 2.94 -23.28 3.96
C GLU B 232 2.40 -22.09 4.75
N SER B 233 1.83 -21.10 4.09
CA SER B 233 1.28 -19.93 4.76
C SER B 233 -0.14 -19.66 4.28
N ASP B 234 -0.71 -18.56 4.75
CA ASP B 234 -2.08 -18.22 4.42
C ASP B 234 -2.26 -17.99 2.92
N ILE B 235 -3.40 -18.42 2.40
CA ILE B 235 -3.72 -18.32 0.98
C ILE B 235 -4.82 -17.28 0.80
N ASN B 236 -4.69 -16.45 -0.24
CA ASN B 236 -5.69 -15.42 -0.52
C ASN B 236 -5.95 -15.24 -2.01
N ALA B 237 -5.77 -16.27 -2.83
CA ALA B 237 -6.10 -16.23 -4.24
C ALA B 237 -6.67 -17.58 -4.66
N ILE B 238 -7.71 -17.56 -5.49
CA ILE B 238 -8.37 -18.79 -5.91
C ILE B 238 -9.10 -18.53 -7.23
N CYS B 239 -9.23 -19.58 -8.04
CA CYS B 239 -10.05 -19.55 -9.24
C CYS B 239 -10.14 -20.98 -9.78
N PHE B 240 -11.34 -21.37 -10.22
CA PHE B 240 -11.48 -22.66 -10.88
C PHE B 240 -10.94 -22.61 -12.30
N PHE B 241 -10.42 -23.74 -12.76
CA PHE B 241 -10.14 -23.90 -14.17
C PHE B 241 -11.46 -24.00 -14.93
N PRO B 242 -11.50 -23.50 -16.18
CA PRO B 242 -12.76 -23.50 -16.92
C PRO B 242 -13.38 -24.88 -17.06
N ASN B 243 -12.59 -25.94 -17.15
CA ASN B 243 -13.15 -27.28 -17.22
C ASN B 243 -13.84 -27.67 -15.93
N GLY B 244 -13.39 -27.11 -14.80
CA GLY B 244 -14.00 -27.37 -13.52
C GLY B 244 -13.38 -28.47 -12.71
N ASN B 245 -12.25 -29.04 -13.14
CA ASN B 245 -11.56 -30.08 -12.39
C ASN B 245 -10.20 -29.64 -11.89
N ALA B 246 -9.95 -28.33 -11.84
CA ALA B 246 -8.68 -27.82 -11.35
C ALA B 246 -8.89 -26.42 -10.78
N PHE B 247 -7.96 -26.02 -9.92
CA PHE B 247 -8.01 -24.71 -9.28
C PHE B 247 -6.64 -24.40 -8.68
N ALA B 248 -6.18 -23.17 -8.91
CA ALA B 248 -4.86 -22.74 -8.48
C ALA B 248 -4.99 -21.72 -7.37
N THR B 249 -4.06 -21.76 -6.43
CA THR B 249 -4.09 -20.93 -5.23
C THR B 249 -2.85 -20.05 -5.19
N GLY B 250 -3.02 -18.82 -4.72
CA GLY B 250 -1.89 -17.94 -4.49
C GLY B 250 -1.78 -17.55 -3.03
N SER B 251 -0.74 -18.06 -2.35
CA SER B 251 -0.56 -17.78 -0.94
C SER B 251 0.36 -16.57 -0.74
N ASP B 252 0.74 -16.34 0.50
CA ASP B 252 1.65 -15.25 0.84
C ASP B 252 3.12 -15.68 0.78
N ASP B 253 3.39 -16.98 0.60
CA ASP B 253 4.75 -17.49 0.55
C ASP B 253 5.29 -17.58 -0.87
N ALA B 254 4.77 -16.76 -1.78
CA ALA B 254 5.27 -16.67 -3.16
C ALA B 254 5.21 -18.03 -3.85
N THR B 255 4.16 -18.79 -3.59
CA THR B 255 3.96 -20.08 -4.23
C THR B 255 2.53 -20.17 -4.75
N CYS B 256 2.38 -20.70 -5.96
CA CYS B 256 1.09 -21.06 -6.51
C CYS B 256 1.03 -22.56 -6.74
N ARG B 257 0.02 -23.22 -6.18
CA ARG B 257 -0.19 -24.64 -6.36
C ARG B 257 -1.22 -24.88 -7.45
N LEU B 258 -1.52 -26.16 -7.67
CA LEU B 258 -2.58 -26.56 -8.59
C LEU B 258 -3.09 -27.91 -8.08
N PHE B 259 -4.21 -27.90 -7.37
CA PHE B 259 -4.82 -29.13 -6.90
C PHE B 259 -5.95 -29.53 -7.84
N ASP B 260 -6.07 -30.84 -8.06
CA ASP B 260 -7.15 -31.39 -8.87
C ASP B 260 -8.22 -32.00 -7.97
N LEU B 261 -9.48 -31.64 -8.25
CA LEU B 261 -10.58 -32.10 -7.41
C LEU B 261 -10.72 -33.62 -7.44
N ARG B 262 -10.58 -34.22 -8.63
CA ARG B 262 -10.83 -35.64 -8.77
C ARG B 262 -9.81 -36.48 -8.00
N ALA B 263 -8.53 -36.09 -8.04
CA ALA B 263 -7.49 -36.89 -7.42
C ALA B 263 -7.09 -36.41 -6.03
N ASP B 264 -7.41 -35.16 -5.69
CA ASP B 264 -7.14 -34.60 -4.36
C ASP B 264 -5.65 -34.66 -4.03
N GLN B 265 -4.85 -34.03 -4.89
CA GLN B 265 -3.40 -34.02 -4.73
C GLN B 265 -2.85 -32.73 -5.30
N GLU B 266 -1.72 -32.29 -4.75
CA GLU B 266 -0.99 -31.18 -5.33
C GLU B 266 -0.31 -31.63 -6.62
N LEU B 267 -0.31 -30.76 -7.63
CA LEU B 267 0.36 -31.06 -8.89
C LEU B 267 1.75 -30.46 -8.98
N MET B 268 1.85 -29.13 -8.85
CA MET B 268 3.12 -28.44 -9.02
C MET B 268 3.07 -27.08 -8.32
N THR B 269 4.25 -26.51 -8.14
CA THR B 269 4.42 -25.24 -7.46
C THR B 269 4.88 -24.20 -8.47
N TYR B 270 4.22 -23.05 -8.48
CA TYR B 270 4.57 -21.94 -9.37
C TYR B 270 5.42 -20.97 -8.53
N SER B 271 6.74 -21.10 -8.61
CA SER B 271 7.60 -20.29 -7.76
C SER B 271 8.98 -20.13 -8.40
N HIS B 272 9.71 -19.13 -7.89
CA HIS B 272 11.09 -18.88 -8.28
C HIS B 272 11.77 -18.13 -7.15
N ASP B 273 13.09 -18.33 -7.02
CA ASP B 273 13.79 -17.87 -5.83
C ASP B 273 13.75 -16.35 -5.70
N ASN B 274 13.90 -15.62 -6.81
CA ASN B 274 13.95 -14.16 -6.75
C ASN B 274 12.65 -13.54 -6.28
N ILE B 275 11.55 -14.29 -6.29
CA ILE B 275 10.28 -13.83 -5.74
C ILE B 275 10.32 -14.08 -4.24
N ILE B 276 10.11 -13.02 -3.46
CA ILE B 276 10.08 -13.11 -2.01
C ILE B 276 8.75 -12.66 -1.41
N CYS B 277 7.84 -12.15 -2.22
CA CYS B 277 6.54 -11.71 -1.76
C CYS B 277 5.43 -12.56 -2.39
N GLY B 278 4.32 -12.70 -1.66
CA GLY B 278 3.32 -13.66 -2.04
C GLY B 278 2.33 -13.16 -3.08
N ILE B 279 1.63 -14.11 -3.67
CA ILE B 279 0.60 -13.85 -4.67
C ILE B 279 -0.65 -13.34 -3.98
N THR B 280 -1.37 -12.44 -4.63
CA THR B 280 -2.61 -11.91 -4.08
C THR B 280 -3.85 -12.37 -4.83
N SER B 281 -3.87 -12.29 -6.16
CA SER B 281 -5.04 -12.69 -6.93
C SER B 281 -4.61 -13.55 -8.11
N VAL B 282 -5.50 -14.46 -8.51
CA VAL B 282 -5.28 -15.32 -9.65
C VAL B 282 -6.52 -15.31 -10.54
N SER B 283 -6.32 -15.60 -11.82
CA SER B 283 -7.43 -15.65 -12.77
C SER B 283 -7.01 -16.57 -13.90
N PHE B 284 -7.68 -17.70 -14.04
CA PHE B 284 -7.41 -18.57 -15.17
C PHE B 284 -7.91 -17.91 -16.46
N SER B 285 -7.16 -18.13 -17.54
CA SER B 285 -7.56 -17.63 -18.84
C SER B 285 -8.65 -18.52 -19.43
N LYS B 286 -8.98 -18.32 -20.69
CA LYS B 286 -10.05 -19.10 -21.30
C LYS B 286 -9.60 -20.46 -21.82
N SER B 287 -8.28 -20.67 -21.95
CA SER B 287 -7.78 -21.92 -22.50
C SER B 287 -6.96 -22.73 -21.50
N GLY B 288 -5.89 -22.15 -20.96
CA GLY B 288 -5.07 -22.89 -20.02
C GLY B 288 -3.58 -22.64 -20.09
N ARG B 289 -3.05 -22.30 -21.28
CA ARG B 289 -1.63 -21.96 -21.37
C ARG B 289 -1.31 -20.66 -20.64
N LEU B 290 -2.32 -19.88 -20.28
CA LEU B 290 -2.13 -18.59 -19.64
C LEU B 290 -2.64 -18.69 -18.21
N LEU B 291 -1.78 -18.41 -17.24
CA LEU B 291 -2.14 -18.37 -15.82
C LEU B 291 -1.60 -17.05 -15.26
N LEU B 292 -2.51 -16.16 -14.88
CA LEU B 292 -2.12 -14.84 -14.38
C LEU B 292 -2.14 -14.84 -12.86
N ALA B 293 -1.25 -14.04 -12.26
CA ALA B 293 -1.15 -13.93 -10.82
C ALA B 293 -0.44 -12.64 -10.45
N GLY B 294 -1.06 -11.86 -9.56
CA GLY B 294 -0.43 -10.65 -9.08
C GLY B 294 0.66 -10.92 -8.05
N TYR B 295 1.44 -9.86 -7.79
CA TYR B 295 2.53 -9.95 -6.83
C TYR B 295 2.68 -8.64 -6.08
N ASP B 296 3.22 -8.74 -4.88
CA ASP B 296 3.41 -7.56 -4.04
C ASP B 296 4.54 -6.68 -4.55
N ASP B 297 5.40 -7.22 -5.41
CA ASP B 297 6.56 -6.49 -5.89
C ASP B 297 6.19 -5.56 -7.03
N PHE B 298 5.12 -4.78 -6.85
CA PHE B 298 4.73 -3.69 -7.74
C PHE B 298 4.45 -4.17 -9.17
N ASN B 299 4.19 -5.45 -9.39
CA ASN B 299 4.00 -5.94 -10.76
C ASN B 299 3.13 -7.18 -10.73
N CYS B 300 2.63 -7.56 -11.91
CA CYS B 300 1.83 -8.75 -12.10
C CYS B 300 2.37 -9.52 -13.30
N ASN B 301 2.35 -10.85 -13.20
CA ASN B 301 2.91 -11.70 -14.23
C ASN B 301 1.93 -12.81 -14.61
N VAL B 302 2.30 -13.56 -15.65
CA VAL B 302 1.46 -14.62 -16.18
C VAL B 302 2.31 -15.88 -16.20
N TRP B 303 1.79 -16.97 -15.64
CA TRP B 303 2.49 -18.24 -15.64
C TRP B 303 1.92 -19.18 -16.70
N ASP B 304 2.79 -20.06 -17.18
CA ASP B 304 2.40 -21.10 -18.12
C ASP B 304 1.95 -22.30 -17.30
N ALA B 305 0.65 -22.58 -17.32
CA ALA B 305 0.07 -23.55 -16.39
C ALA B 305 0.47 -24.98 -16.69
N LEU B 306 1.09 -25.26 -17.83
CA LEU B 306 1.52 -26.61 -18.17
C LEU B 306 3.02 -26.79 -18.20
N LYS B 307 3.81 -25.72 -18.07
CA LYS B 307 5.26 -25.85 -18.20
C LYS B 307 6.06 -25.15 -17.11
N ALA B 308 5.42 -24.58 -16.10
CA ALA B 308 6.10 -23.99 -14.94
C ALA B 308 7.04 -22.86 -15.33
N ASP B 309 6.68 -22.09 -16.35
CA ASP B 309 7.53 -21.01 -16.86
C ASP B 309 6.76 -19.69 -16.82
N ARG B 310 7.42 -18.64 -16.34
CA ARG B 310 6.87 -17.30 -16.47
C ARG B 310 6.89 -16.86 -17.92
N ALA B 311 5.85 -16.14 -18.33
CA ALA B 311 5.74 -15.67 -19.71
C ALA B 311 5.28 -14.22 -19.66
N GLY B 312 6.24 -13.30 -19.59
CA GLY B 312 5.93 -11.88 -19.55
C GLY B 312 5.56 -11.40 -18.17
N VAL B 313 5.66 -10.09 -17.95
CA VAL B 313 5.25 -9.47 -16.70
C VAL B 313 4.49 -8.20 -17.02
N LEU B 314 3.28 -8.08 -16.48
CA LEU B 314 2.42 -6.93 -16.72
C LEU B 314 2.87 -5.72 -15.91
N ALA B 315 4.12 -5.33 -16.09
CA ALA B 315 4.69 -4.28 -15.27
C ALA B 315 3.96 -2.96 -15.47
N GLY B 316 4.22 -2.02 -14.57
CA GLY B 316 3.69 -0.68 -14.72
C GLY B 316 2.86 -0.24 -13.54
N HIS B 317 2.97 -0.96 -12.43
CA HIS B 317 2.12 -0.74 -11.26
C HIS B 317 2.93 -0.26 -10.07
N ASP B 318 2.35 0.66 -9.31
CA ASP B 318 2.89 1.08 -8.03
C ASP B 318 2.11 0.42 -6.90
N ASN B 319 2.74 0.36 -5.74
CA ASN B 319 2.14 -0.25 -4.55
C ASN B 319 1.85 -1.72 -4.84
N ARG B 320 0.83 -2.30 -4.22
CA ARG B 320 0.59 -3.73 -4.28
C ARG B 320 -0.55 -4.05 -5.23
N VAL B 321 -0.45 -5.18 -5.92
CA VAL B 321 -1.54 -5.71 -6.73
C VAL B 321 -2.42 -6.59 -5.84
N SER B 322 -3.74 -6.43 -5.94
CA SER B 322 -4.67 -7.17 -5.09
C SER B 322 -5.82 -7.82 -5.86
N CYS B 323 -6.03 -7.47 -7.11
CA CYS B 323 -7.15 -8.03 -7.86
C CYS B 323 -6.71 -8.35 -9.27
N LEU B 324 -7.43 -9.26 -9.91
CA LEU B 324 -7.05 -9.81 -11.20
C LEU B 324 -8.24 -10.47 -11.86
N GLY B 325 -8.63 -9.99 -13.03
CA GLY B 325 -9.74 -10.60 -13.74
C GLY B 325 -9.64 -10.58 -15.25
N VAL B 326 -9.71 -11.76 -15.85
CA VAL B 326 -9.73 -11.91 -17.30
C VAL B 326 -11.19 -11.94 -17.74
N THR B 327 -11.48 -11.39 -18.91
CA THR B 327 -12.83 -11.42 -19.42
C THR B 327 -13.27 -12.85 -19.70
N ASP B 328 -14.58 -13.09 -19.64
CA ASP B 328 -15.11 -14.43 -19.87
C ASP B 328 -14.77 -14.92 -21.26
N ASP B 329 -14.88 -14.06 -22.26
CA ASP B 329 -14.55 -14.43 -23.63
C ASP B 329 -13.06 -14.30 -23.93
N GLY B 330 -12.25 -13.86 -22.96
CA GLY B 330 -10.81 -13.83 -23.13
C GLY B 330 -10.28 -12.69 -23.95
N MET B 331 -11.05 -11.62 -24.16
CA MET B 331 -10.56 -10.49 -24.93
C MET B 331 -9.34 -9.86 -24.28
N ALA B 332 -9.38 -9.67 -22.96
CA ALA B 332 -8.28 -9.03 -22.25
C ALA B 332 -8.36 -9.36 -20.76
N VAL B 333 -7.42 -8.80 -20.01
CA VAL B 333 -7.36 -8.96 -18.56
C VAL B 333 -7.16 -7.59 -17.93
N ALA B 334 -7.87 -7.33 -16.84
CA ALA B 334 -7.74 -6.09 -16.09
C ALA B 334 -7.09 -6.39 -14.75
N THR B 335 -6.02 -5.66 -14.44
CA THR B 335 -5.30 -5.81 -13.18
C THR B 335 -5.40 -4.49 -12.43
N GLY B 336 -5.88 -4.54 -11.20
CA GLY B 336 -5.93 -3.37 -10.34
C GLY B 336 -5.01 -3.55 -9.14
N SER B 337 -4.16 -2.56 -8.92
CA SER B 337 -3.24 -2.54 -7.81
C SER B 337 -3.67 -1.49 -6.80
N TRP B 338 -2.85 -1.28 -5.79
CA TRP B 338 -3.21 -0.36 -4.71
C TRP B 338 -3.15 1.11 -5.14
N ASP B 339 -2.70 1.39 -6.36
CA ASP B 339 -2.59 2.77 -6.82
C ASP B 339 -3.90 3.32 -7.37
N SER B 340 -5.03 2.69 -7.07
CA SER B 340 -6.35 3.13 -7.54
C SER B 340 -6.42 3.18 -9.06
N PHE B 341 -5.74 2.25 -9.73
CA PHE B 341 -5.69 2.20 -11.18
C PHE B 341 -6.15 0.83 -11.65
N LEU B 342 -6.89 0.82 -12.76
CA LEU B 342 -7.21 -0.41 -13.48
C LEU B 342 -6.65 -0.30 -14.90
N LYS B 343 -5.91 -1.32 -15.32
CA LYS B 343 -5.28 -1.34 -16.64
C LYS B 343 -5.73 -2.56 -17.41
N ILE B 344 -5.98 -2.38 -18.71
CA ILE B 344 -6.42 -3.46 -19.59
C ILE B 344 -5.21 -3.94 -20.39
N TRP B 345 -4.91 -5.23 -20.26
CA TRP B 345 -3.78 -5.85 -20.96
C TRP B 345 -4.31 -6.93 -21.89
N ASN B 346 -3.83 -6.93 -23.13
CA ASN B 346 -4.08 -8.06 -24.03
C ASN B 346 -2.89 -9.01 -24.03
N THR C 6 -16.00 -32.01 26.72
CA THR C 6 -17.13 -32.21 25.83
C THR C 6 -16.88 -31.55 24.48
N ALA C 7 -16.45 -30.28 24.52
CA ALA C 7 -16.16 -29.55 23.29
C ALA C 7 -15.03 -30.20 22.51
N SER C 8 -13.96 -30.62 23.20
CA SER C 8 -12.85 -31.27 22.53
C SER C 8 -13.28 -32.60 21.92
N ILE C 9 -14.10 -33.38 22.64
CA ILE C 9 -14.58 -34.66 22.12
C ILE C 9 -15.43 -34.44 20.88
N ALA C 10 -16.33 -33.43 20.93
CA ALA C 10 -17.17 -33.14 19.77
C ALA C 10 -16.32 -32.70 18.58
N GLN C 11 -15.31 -31.86 18.81
CA GLN C 11 -14.45 -31.42 17.73
C GLN C 11 -13.68 -32.58 17.13
N ALA C 12 -13.18 -33.49 17.97
CA ALA C 12 -12.49 -34.67 17.47
C ALA C 12 -13.43 -35.56 16.66
N ARG C 13 -14.67 -35.72 17.11
CA ARG C 13 -15.64 -36.52 16.37
C ARG C 13 -15.93 -35.89 15.00
N LYS C 14 -16.12 -34.58 14.97
CA LYS C 14 -16.35 -33.90 13.69
C LYS C 14 -15.15 -34.07 12.77
N LEU C 15 -13.93 -33.92 13.31
CA LEU C 15 -12.74 -34.06 12.48
C LEU C 15 -12.62 -35.47 11.92
N VAL C 16 -12.84 -36.49 12.74
CA VAL C 16 -12.68 -37.86 12.28
C VAL C 16 -13.76 -38.23 11.27
N GLU C 17 -15.00 -37.77 11.50
CA GLU C 17 -16.06 -38.08 10.53
C GLU C 17 -15.82 -37.38 9.21
N GLN C 18 -15.33 -36.13 9.24
CA GLN C 18 -15.01 -35.43 8.00
C GLN C 18 -13.86 -36.13 7.26
N LEU C 19 -12.83 -36.54 8.00
CA LEU C 19 -11.70 -37.22 7.37
C LEU C 19 -12.11 -38.57 6.81
N LYS C 20 -13.03 -39.27 7.46
CA LYS C 20 -13.49 -40.55 6.94
C LYS C 20 -14.40 -40.38 5.74
N MET C 21 -15.20 -39.31 5.70
CA MET C 21 -15.93 -38.98 4.49
C MET C 21 -14.98 -38.66 3.33
N GLU C 22 -13.90 -37.93 3.63
CA GLU C 22 -12.91 -37.64 2.60
C GLU C 22 -12.19 -38.91 2.15
N ALA C 23 -12.00 -39.87 3.05
CA ALA C 23 -11.33 -41.12 2.69
C ALA C 23 -12.16 -41.93 1.71
N ASN C 24 -13.48 -41.96 1.90
CA ASN C 24 -14.38 -42.74 1.03
C ASN C 24 -14.69 -41.98 -0.25
N ILE C 25 -13.63 -41.69 -1.01
CA ILE C 25 -13.72 -40.98 -2.28
C ILE C 25 -12.96 -41.78 -3.32
N ASP C 26 -13.59 -42.02 -4.47
CA ASP C 26 -12.92 -42.72 -5.56
C ASP C 26 -11.76 -41.89 -6.09
N ARG C 27 -10.57 -42.45 -6.02
CA ARG C 27 -9.38 -41.75 -6.48
C ARG C 27 -9.17 -41.98 -7.97
N ILE C 28 -8.51 -41.04 -8.62
CA ILE C 28 -8.24 -41.07 -10.05
C ILE C 28 -6.75 -40.96 -10.29
N LYS C 29 -6.22 -41.87 -11.10
CA LYS C 29 -4.81 -41.89 -11.45
C LYS C 29 -4.46 -40.63 -12.23
N VAL C 30 -3.43 -39.92 -11.78
CA VAL C 30 -3.31 -38.49 -12.06
C VAL C 30 -2.84 -38.20 -13.48
N SER C 31 -2.13 -39.12 -14.12
CA SER C 31 -1.57 -38.82 -15.43
C SER C 31 -2.65 -38.67 -16.49
N LYS C 32 -3.74 -39.43 -16.38
CA LYS C 32 -4.83 -39.24 -17.35
C LYS C 32 -5.57 -37.93 -17.09
N ALA C 33 -5.58 -37.48 -15.84
CA ALA C 33 -6.08 -36.14 -15.55
C ALA C 33 -5.22 -35.09 -16.23
N ALA C 34 -3.90 -35.26 -16.18
CA ALA C 34 -3.01 -34.35 -16.89
C ALA C 34 -3.26 -34.41 -18.40
N ALA C 35 -3.52 -35.61 -18.92
CA ALA C 35 -3.83 -35.76 -20.34
C ALA C 35 -5.11 -35.02 -20.71
N ASP C 36 -6.13 -35.11 -19.85
CA ASP C 36 -7.36 -34.36 -20.10
C ASP C 36 -7.09 -32.86 -20.08
N LEU C 37 -6.25 -32.41 -19.14
CA LEU C 37 -5.89 -31.00 -19.09
C LEU C 37 -5.21 -30.57 -20.38
N MET C 38 -4.26 -31.37 -20.88
CA MET C 38 -3.57 -31.02 -22.11
C MET C 38 -4.53 -31.00 -23.29
N ALA C 39 -5.43 -31.99 -23.37
CA ALA C 39 -6.37 -32.05 -24.48
C ALA C 39 -7.28 -30.82 -24.48
N TYR C 40 -7.83 -30.48 -23.31
CA TYR C 40 -8.69 -29.30 -23.21
C TYR C 40 -7.93 -28.03 -23.55
N CYS C 41 -6.68 -27.92 -23.09
CA CYS C 41 -5.92 -26.70 -23.33
C CYS C 41 -5.57 -26.53 -24.80
N GLU C 42 -5.14 -27.60 -25.46
CA GLU C 42 -4.78 -27.50 -26.87
C GLU C 42 -6.01 -27.40 -27.76
N ALA C 43 -7.16 -27.90 -27.31
CA ALA C 43 -8.39 -27.79 -28.08
C ALA C 43 -8.96 -26.37 -28.08
N HIS C 44 -8.51 -25.51 -27.16
CA HIS C 44 -9.00 -24.14 -27.09
C HIS C 44 -7.87 -23.13 -27.27
N ALA C 45 -6.74 -23.55 -27.85
CA ALA C 45 -5.64 -22.63 -28.08
C ALA C 45 -5.98 -21.63 -29.19
N LYS C 46 -6.69 -22.08 -30.23
CA LYS C 46 -7.02 -21.20 -31.35
C LYS C 46 -7.96 -20.08 -30.90
N GLU C 47 -8.96 -20.41 -30.09
CA GLU C 47 -9.97 -19.43 -29.69
C GLU C 47 -9.45 -18.42 -28.68
N ASP C 48 -8.35 -18.71 -27.99
CA ASP C 48 -7.86 -17.81 -26.97
C ASP C 48 -7.21 -16.60 -27.62
N PRO C 49 -7.69 -15.37 -27.37
CA PRO C 49 -7.03 -14.20 -27.94
C PRO C 49 -5.68 -13.90 -27.31
N LEU C 50 -5.41 -14.44 -26.12
CA LEU C 50 -4.14 -14.15 -25.46
C LEU C 50 -3.00 -14.96 -26.05
N LEU C 51 -3.20 -16.27 -26.22
CA LEU C 51 -2.13 -17.13 -26.73
C LEU C 51 -1.80 -16.80 -28.18
N THR C 52 -2.82 -16.67 -29.01
CA THR C 52 -2.63 -16.27 -30.40
C THR C 52 -2.85 -14.77 -30.52
N PRO C 53 -1.87 -13.99 -30.98
CA PRO C 53 -2.06 -12.55 -31.05
C PRO C 53 -3.23 -12.19 -31.95
N VAL C 54 -4.00 -11.19 -31.52
CA VAL C 54 -5.27 -10.87 -32.14
C VAL C 54 -5.09 -9.77 -33.19
N PRO C 55 -5.70 -9.90 -34.37
CA PRO C 55 -5.65 -8.82 -35.35
C PRO C 55 -6.36 -7.57 -34.83
N ALA C 56 -5.87 -6.41 -35.26
CA ALA C 56 -6.39 -5.14 -34.77
C ALA C 56 -7.85 -4.92 -35.15
N SER C 57 -8.32 -5.50 -36.25
CA SER C 57 -9.70 -5.31 -36.66
C SER C 57 -10.66 -5.93 -35.64
N GLU C 58 -10.44 -7.19 -35.28
CA GLU C 58 -11.33 -7.84 -34.33
C GLU C 58 -10.96 -7.51 -32.88
N ASN C 59 -9.73 -7.07 -32.64
CA ASN C 59 -9.34 -6.60 -31.32
C ASN C 59 -10.03 -5.27 -31.04
N PRO C 60 -10.84 -5.16 -29.99
CA PRO C 60 -11.50 -3.90 -29.68
C PRO C 60 -10.78 -3.01 -28.67
N PHE C 61 -9.56 -3.38 -28.27
CA PHE C 61 -8.82 -2.60 -27.28
C PHE C 61 -7.76 -1.70 -27.90
N ARG C 62 -7.72 -1.58 -29.22
CA ARG C 62 -6.73 -0.71 -29.87
C ARG C 62 -7.33 0.04 -31.04
N GLN D 24 1.63 -31.16 4.89
CA GLN D 24 0.82 -30.35 5.80
C GLN D 24 1.69 -29.86 6.95
N VAL D 25 1.39 -28.66 7.44
CA VAL D 25 2.19 -28.02 8.48
C VAL D 25 1.79 -28.59 9.84
N GLN D 26 2.76 -29.19 10.53
CA GLN D 26 2.56 -29.75 11.86
C GLN D 26 3.64 -29.23 12.79
N LEU D 27 3.26 -28.97 14.04
CA LEU D 27 4.20 -28.54 15.08
C LEU D 27 3.92 -29.37 16.33
N GLN D 28 4.79 -30.34 16.59
CA GLN D 28 4.65 -31.22 17.74
C GLN D 28 5.71 -30.88 18.78
N GLU D 29 5.29 -30.73 20.02
CA GLU D 29 6.17 -30.40 21.13
C GLU D 29 6.58 -31.66 21.88
N SER D 30 7.81 -31.65 22.42
CA SER D 30 8.36 -32.78 23.14
C SER D 30 8.91 -32.32 24.48
N GLY D 31 8.95 -33.24 25.43
CA GLY D 31 9.49 -32.96 26.74
C GLY D 31 8.48 -32.34 27.68
N GLY D 32 8.91 -32.14 28.92
CA GLY D 32 8.06 -31.54 29.92
C GLY D 32 7.50 -32.53 30.92
N GLY D 33 7.83 -32.35 32.20
CA GLY D 33 7.35 -33.23 33.25
C GLY D 33 7.21 -32.50 34.56
N LEU D 34 6.67 -33.21 35.55
CA LEU D 34 6.50 -32.67 36.90
C LEU D 34 7.86 -32.52 37.56
N VAL D 35 8.32 -31.29 37.71
CA VAL D 35 9.62 -30.99 38.30
C VAL D 35 9.44 -29.98 39.43
N GLN D 36 10.06 -30.26 40.57
CA GLN D 36 10.07 -29.32 41.67
C GLN D 36 10.90 -28.09 41.30
N PRO D 37 10.71 -26.97 42.01
CA PRO D 37 11.52 -25.78 41.72
C PRO D 37 13.00 -26.11 41.70
N GLY D 38 13.69 -25.63 40.67
CA GLY D 38 15.02 -26.10 40.37
C GLY D 38 14.99 -27.20 39.32
N GLY D 39 16.16 -27.79 39.10
CA GLY D 39 16.28 -28.85 38.11
C GLY D 39 16.30 -28.32 36.70
N SER D 40 16.32 -29.24 35.75
CA SER D 40 16.39 -28.89 34.33
C SER D 40 15.37 -29.70 33.53
N LEU D 41 14.85 -29.10 32.47
CA LEU D 41 13.93 -29.74 31.54
C LEU D 41 14.37 -29.46 30.11
N ARG D 42 14.12 -30.42 29.23
CA ARG D 42 14.44 -30.30 27.81
C ARG D 42 13.13 -30.32 27.02
N LEU D 43 12.93 -29.32 26.18
CA LEU D 43 11.71 -29.17 25.40
C LEU D 43 12.06 -29.05 23.93
N SER D 44 11.46 -29.91 23.11
CA SER D 44 11.77 -29.98 21.68
C SER D 44 10.49 -29.79 20.88
N CYS D 45 10.61 -29.15 19.72
CA CYS D 45 9.50 -28.98 18.80
C CYS D 45 9.75 -29.78 17.53
N ALA D 46 8.81 -30.63 17.16
CA ALA D 46 8.88 -31.42 15.94
C ALA D 46 8.14 -30.67 14.84
N ALA D 47 8.89 -30.23 13.82
CA ALA D 47 8.36 -29.36 12.79
C ALA D 47 8.30 -30.11 11.47
N SER D 48 7.23 -29.88 10.71
CA SER D 48 7.07 -30.49 9.40
C SER D 48 6.12 -29.66 8.57
N GLY D 49 6.19 -29.84 7.25
CA GLY D 49 5.30 -29.18 6.32
C GLY D 49 5.71 -27.77 5.92
N PHE D 50 6.86 -27.29 6.38
CA PHE D 50 7.28 -25.93 6.05
C PHE D 50 8.80 -25.84 6.15
N THR D 51 9.34 -24.77 5.57
CA THR D 51 10.77 -24.52 5.64
C THR D 51 11.13 -23.94 6.99
N PHE D 52 12.04 -24.60 7.69
CA PHE D 52 12.34 -24.24 9.09
C PHE D 52 13.21 -22.99 9.17
N SER D 53 14.13 -22.81 8.22
CA SER D 53 15.17 -21.79 8.37
C SER D 53 14.59 -20.38 8.27
N ASN D 54 13.77 -20.10 7.26
CA ASN D 54 13.37 -18.72 6.98
C ASN D 54 12.37 -18.21 8.00
N TYR D 55 11.39 -19.03 8.39
CA TYR D 55 10.36 -18.60 9.31
C TYR D 55 10.93 -18.25 10.68
N LYS D 56 10.40 -17.18 11.26
CA LYS D 56 10.71 -16.79 12.62
C LYS D 56 9.80 -17.51 13.59
N MET D 57 10.37 -18.02 14.67
CA MET D 57 9.64 -18.88 15.59
C MET D 57 9.74 -18.38 17.02
N ASN D 58 8.68 -18.65 17.79
CA ASN D 58 8.58 -18.22 19.17
C ASN D 58 7.70 -19.21 19.93
N TRP D 59 7.78 -19.11 21.26
CA TRP D 59 6.98 -19.94 22.14
C TRP D 59 5.95 -19.09 22.88
N VAL D 60 4.79 -19.69 23.17
CA VAL D 60 3.70 -19.00 23.84
C VAL D 60 3.32 -19.78 25.09
N ARG D 61 3.05 -19.05 26.17
CA ARG D 61 2.74 -19.63 27.47
C ARG D 61 1.24 -19.52 27.74
N GLN D 62 0.76 -20.39 28.63
CA GLN D 62 -0.66 -20.41 28.98
C GLN D 62 -0.77 -20.69 30.48
N ALA D 63 -0.86 -19.62 31.26
CA ALA D 63 -1.06 -19.79 32.68
C ALA D 63 -2.49 -20.29 32.96
N PRO D 64 -2.63 -21.23 33.89
CA PRO D 64 -3.98 -21.74 34.20
C PRO D 64 -4.87 -20.63 34.73
N GLY D 65 -6.10 -20.55 34.21
CA GLY D 65 -7.02 -19.51 34.56
C GLY D 65 -6.67 -18.14 34.02
N LYS D 66 -5.70 -18.05 33.12
CA LYS D 66 -5.23 -16.79 32.58
C LYS D 66 -5.21 -16.86 31.05
N GLY D 67 -4.64 -15.83 30.43
CA GLY D 67 -4.61 -15.73 28.98
C GLY D 67 -3.33 -16.27 28.38
N LEU D 68 -3.14 -15.96 27.10
CA LEU D 68 -1.99 -16.41 26.33
C LEU D 68 -0.98 -15.28 26.15
N GLU D 69 0.30 -15.65 26.13
CA GLU D 69 1.40 -14.70 26.04
C GLU D 69 2.53 -15.29 25.22
N TRP D 70 3.68 -14.61 25.22
CA TRP D 70 4.83 -14.97 24.40
C TRP D 70 6.05 -15.24 25.26
N VAL D 71 6.95 -16.10 24.77
CA VAL D 71 8.11 -16.50 25.55
C VAL D 71 9.39 -15.87 25.03
N SER D 72 9.81 -16.27 23.83
CA SER D 72 11.07 -15.77 23.27
C SER D 72 11.09 -16.10 21.79
N ASP D 73 11.80 -15.27 21.02
CA ASP D 73 11.78 -15.39 19.57
C ASP D 73 13.19 -15.35 19.01
N ILE D 74 13.42 -16.11 17.95
CA ILE D 74 14.68 -16.14 17.22
C ILE D 74 14.40 -15.88 15.74
N SER D 75 15.14 -14.94 15.17
CA SER D 75 14.94 -14.57 13.77
C SER D 75 15.69 -15.53 12.87
N GLN D 76 15.76 -15.19 11.58
CA GLN D 76 16.40 -16.06 10.60
C GLN D 76 17.90 -16.20 10.88
N SER D 77 18.55 -15.09 11.24
CA SER D 77 19.99 -15.13 11.49
C SER D 77 20.30 -15.96 12.74
N GLY D 78 19.44 -15.90 13.74
CA GLY D 78 19.73 -16.49 15.03
C GLY D 78 20.44 -15.57 15.99
N ALA D 79 20.83 -14.38 15.56
CA ALA D 79 21.50 -13.40 16.40
C ALA D 79 20.57 -12.29 16.87
N SER D 80 19.26 -12.50 16.76
CA SER D 80 18.30 -11.50 17.18
C SER D 80 17.52 -11.99 18.39
N ILE D 81 18.23 -12.60 19.35
CA ILE D 81 17.60 -13.14 20.54
C ILE D 81 17.07 -12.00 21.41
N SER D 82 15.82 -12.12 21.83
CA SER D 82 15.22 -11.18 22.76
C SER D 82 14.44 -11.96 23.81
N TYR D 83 14.26 -11.35 24.98
CA TYR D 83 13.63 -12.01 26.11
C TYR D 83 12.44 -11.20 26.60
N THR D 84 11.45 -11.92 27.12
CA THR D 84 10.33 -11.29 27.82
C THR D 84 10.80 -10.77 29.18
N GLY D 85 10.03 -9.83 29.73
CA GLY D 85 10.41 -9.24 31.00
C GLY D 85 10.40 -10.23 32.14
N SER D 86 9.56 -11.25 32.06
CA SER D 86 9.43 -12.20 33.15
C SER D 86 10.73 -12.96 33.39
N VAL D 87 11.39 -13.39 32.31
CA VAL D 87 12.60 -14.20 32.40
C VAL D 87 13.70 -13.53 31.59
N LYS D 88 14.84 -13.29 32.23
CA LYS D 88 15.98 -12.65 31.58
C LYS D 88 17.22 -13.51 31.57
N GLY D 89 17.65 -14.01 32.73
CA GLY D 89 18.76 -14.93 32.79
C GLY D 89 18.27 -16.34 33.04
N ARG D 90 16.97 -16.47 33.27
CA ARG D 90 16.39 -17.76 33.63
C ARG D 90 16.22 -18.69 32.43
N PHE D 91 15.95 -18.16 31.24
CA PHE D 91 15.57 -18.99 30.12
C PHE D 91 16.64 -18.96 29.04
N THR D 92 16.57 -19.94 28.14
CA THR D 92 17.56 -20.05 27.05
C THR D 92 16.86 -20.68 25.84
N ILE D 93 16.84 -19.95 24.73
CA ILE D 93 16.20 -20.39 23.50
C ILE D 93 17.27 -20.71 22.46
N SER D 94 17.09 -21.82 21.74
CA SER D 94 18.00 -22.20 20.67
C SER D 94 17.22 -23.03 19.65
N ARG D 95 17.80 -23.17 18.46
CA ARG D 95 17.16 -23.95 17.41
C ARG D 95 18.21 -24.68 16.59
N ASP D 96 17.77 -25.73 15.91
CA ASP D 96 18.61 -26.48 14.97
C ASP D 96 17.88 -26.50 13.64
N ASN D 97 18.33 -25.66 12.72
CA ASN D 97 17.67 -25.54 11.43
C ASN D 97 17.84 -26.79 10.58
N ALA D 98 18.99 -27.46 10.69
CA ALA D 98 19.24 -28.64 9.89
C ALA D 98 18.25 -29.76 10.23
N LYS D 99 17.98 -29.96 11.52
CA LYS D 99 17.11 -31.03 11.98
C LYS D 99 15.66 -30.58 12.16
N ASN D 100 15.34 -29.33 11.81
CA ASN D 100 13.98 -28.78 11.93
C ASN D 100 13.47 -28.90 13.37
N THR D 101 14.34 -28.51 14.30
CA THR D 101 14.01 -28.56 15.72
C THR D 101 14.35 -27.22 16.36
N LEU D 102 13.49 -26.80 17.29
CA LEU D 102 13.66 -25.57 18.05
C LEU D 102 13.68 -25.92 19.52
N TYR D 103 14.64 -25.38 20.27
CA TYR D 103 14.90 -25.82 21.62
C TYR D 103 14.70 -24.71 22.63
N LEU D 104 14.39 -25.11 23.86
CA LEU D 104 14.07 -24.20 24.97
C LEU D 104 14.55 -24.84 26.28
N GLN D 105 15.62 -24.27 26.83
CA GLN D 105 16.33 -24.86 27.97
C GLN D 105 15.82 -24.30 29.28
N MET D 106 15.36 -25.19 30.17
CA MET D 106 14.87 -24.83 31.50
C MET D 106 15.86 -25.18 32.59
N ASN D 107 15.96 -24.27 33.56
CA ASN D 107 16.73 -24.48 34.78
C ASN D 107 16.22 -23.50 35.82
N SER D 108 16.22 -23.97 37.07
CA SER D 108 15.77 -23.17 38.22
C SER D 108 14.34 -22.65 37.99
N LEU D 109 13.41 -23.58 37.90
CA LEU D 109 12.02 -23.23 37.66
C LEU D 109 11.37 -22.66 38.92
N LYS D 110 10.19 -22.08 38.74
CA LYS D 110 9.40 -21.49 39.80
C LYS D 110 7.99 -22.05 39.73
N PRO D 111 7.27 -22.07 40.86
CA PRO D 111 5.90 -22.64 40.85
C PRO D 111 4.97 -21.93 39.89
N GLU D 112 5.14 -20.64 39.67
CA GLU D 112 4.24 -19.89 38.80
C GLU D 112 4.33 -20.35 37.35
N ASP D 113 5.49 -20.81 36.90
CA ASP D 113 5.69 -21.23 35.52
C ASP D 113 5.10 -22.61 35.30
N THR D 114 3.80 -22.72 35.55
CA THR D 114 3.05 -23.96 35.49
C THR D 114 2.14 -23.96 34.26
N ALA D 115 2.66 -23.44 33.15
CA ALA D 115 1.87 -23.19 31.97
C ALA D 115 1.91 -24.40 31.02
N VAL D 116 1.38 -24.21 29.82
CA VAL D 116 1.46 -25.19 28.74
C VAL D 116 2.23 -24.53 27.60
N TYR D 117 3.21 -25.25 27.06
CA TYR D 117 4.13 -24.66 26.10
C TYR D 117 3.77 -25.10 24.68
N TYR D 118 3.35 -24.13 23.87
CA TYR D 118 2.96 -24.36 22.48
C TYR D 118 4.10 -23.92 21.58
N CYS D 119 4.40 -24.72 20.55
CA CYS D 119 5.47 -24.39 19.62
C CYS D 119 4.88 -23.48 18.53
N ALA D 120 4.92 -22.18 18.80
CA ALA D 120 4.35 -21.21 17.88
C ALA D 120 5.35 -20.85 16.77
N ARG D 121 4.84 -20.23 15.71
CA ARG D 121 5.65 -19.75 14.61
C ARG D 121 4.94 -18.61 13.91
N CYS D 122 5.67 -17.57 13.57
CA CYS D 122 5.11 -16.48 12.80
C CYS D 122 4.91 -16.93 11.35
N PRO D 123 3.76 -16.64 10.76
CA PRO D 123 3.42 -17.25 9.47
C PRO D 123 4.26 -16.75 8.29
N ALA D 124 4.32 -15.45 8.13
CA ALA D 124 4.81 -14.88 6.89
C ALA D 124 6.30 -15.12 6.73
N PRO D 125 6.74 -15.64 5.59
CA PRO D 125 8.18 -15.77 5.34
C PRO D 125 8.85 -14.41 5.20
N PHE D 126 10.11 -14.35 5.62
CA PHE D 126 10.98 -13.20 5.40
C PHE D 126 10.37 -11.93 5.97
N THR D 127 10.09 -11.96 7.27
CA THR D 127 9.56 -10.78 7.95
C THR D 127 9.77 -10.95 9.45
N ARG D 128 9.36 -9.92 10.19
CA ARG D 128 9.62 -9.85 11.62
C ARG D 128 8.35 -9.60 12.44
N ASP D 129 7.17 -9.84 11.86
CA ASP D 129 5.91 -9.53 12.51
C ASP D 129 4.98 -10.74 12.50
N CYS D 130 4.29 -10.94 13.62
CA CYS D 130 3.28 -11.98 13.71
C CYS D 130 2.40 -11.72 14.92
N PHE D 131 1.11 -11.99 14.77
CA PHE D 131 0.10 -11.79 15.82
C PHE D 131 -0.41 -13.17 16.23
N ASP D 132 0.30 -13.81 17.14
CA ASP D 132 0.02 -15.17 17.57
C ASP D 132 -0.25 -15.22 19.07
N VAL D 133 -0.55 -14.07 19.65
CA VAL D 133 -0.87 -13.97 21.07
C VAL D 133 -2.37 -14.16 21.20
N THR D 134 -3.00 -14.57 20.10
CA THR D 134 -4.44 -14.73 20.06
C THR D 134 -4.89 -15.85 21.00
N SER D 135 -6.03 -15.64 21.65
CA SER D 135 -6.62 -16.68 22.48
C SER D 135 -7.30 -17.75 21.62
N THR D 136 -7.90 -17.34 20.51
CA THR D 136 -8.56 -18.27 19.63
C THR D 136 -7.52 -19.17 18.96
N THR D 137 -7.98 -20.32 18.47
CA THR D 137 -7.07 -21.35 17.98
C THR D 137 -6.40 -20.91 16.68
N TYR D 138 -5.21 -20.32 16.80
CA TYR D 138 -4.40 -20.00 15.64
C TYR D 138 -3.96 -21.28 14.94
N ALA D 139 -3.77 -21.21 13.62
CA ALA D 139 -3.54 -22.41 12.83
C ALA D 139 -2.17 -23.02 13.10
N TYR D 140 -1.12 -22.23 13.09
CA TYR D 140 0.24 -22.74 13.02
C TYR D 140 0.91 -22.75 14.40
N ARG D 141 0.34 -23.56 15.29
CA ARG D 141 0.97 -23.85 16.59
C ARG D 141 0.36 -25.14 17.12
N GLY D 142 1.14 -25.86 17.91
CA GLY D 142 0.84 -27.23 18.25
C GLY D 142 -0.16 -27.39 19.39
N GLN D 143 -0.37 -28.65 19.77
CA GLN D 143 -1.30 -28.96 20.85
C GLN D 143 -0.67 -28.71 22.22
N GLY D 144 0.65 -28.62 22.29
CA GLY D 144 1.32 -28.21 23.51
C GLY D 144 1.62 -29.37 24.44
N THR D 145 2.55 -29.12 25.37
CA THR D 145 2.91 -30.06 26.42
C THR D 145 2.75 -29.38 27.77
N GLN D 146 2.22 -30.11 28.74
CA GLN D 146 2.00 -29.57 30.07
C GLN D 146 3.27 -29.65 30.91
N VAL D 147 3.65 -28.54 31.51
CA VAL D 147 4.77 -28.49 32.45
C VAL D 147 4.24 -28.01 33.80
N THR D 148 4.50 -28.78 34.85
CA THR D 148 3.99 -28.50 36.19
C THR D 148 5.16 -28.34 37.15
N VAL D 149 5.06 -27.35 38.03
CA VAL D 149 6.09 -27.10 39.02
C VAL D 149 5.54 -27.30 40.43
N GLY E 238 37.82 34.96 -27.93
CA GLY E 238 38.26 33.71 -27.35
C GLY E 238 37.26 32.58 -27.53
N PHE E 239 36.20 32.86 -28.28
CA PHE E 239 35.13 31.89 -28.55
C PHE E 239 34.53 31.35 -27.25
N VAL E 240 34.36 32.23 -26.26
CA VAL E 240 33.77 31.81 -24.99
C VAL E 240 32.33 31.34 -25.17
N PRO E 241 31.44 32.06 -25.85
CA PRO E 241 30.11 31.49 -26.12
C PRO E 241 30.18 30.20 -26.90
N VAL E 242 31.11 30.09 -27.85
CA VAL E 242 31.23 28.87 -28.64
C VAL E 242 31.55 27.68 -27.73
N VAL E 243 32.49 27.87 -26.81
CA VAL E 243 32.93 26.76 -25.96
C VAL E 243 31.96 26.49 -24.83
N TYR E 244 31.13 27.47 -24.46
CA TYR E 244 30.22 27.29 -23.34
C TYR E 244 28.84 26.77 -23.74
N TYR E 245 28.27 27.30 -24.82
CA TYR E 245 26.87 27.04 -25.12
C TYR E 245 26.68 25.62 -25.66
N SER E 246 27.64 25.12 -26.42
CA SER E 246 27.57 23.72 -26.86
C SER E 246 27.61 22.78 -25.66
N LEU E 247 28.48 23.07 -24.69
CA LEU E 247 28.53 22.29 -23.47
C LEU E 247 27.22 22.39 -22.70
N LEU E 248 26.64 23.60 -22.65
CA LEU E 248 25.35 23.76 -21.99
C LEU E 248 24.27 22.94 -22.65
N LEU E 249 24.24 22.92 -23.99
CA LEU E 249 23.29 22.08 -24.70
C LEU E 249 23.50 20.61 -24.36
N CYS E 250 24.73 20.13 -24.53
CA CYS E 250 25.00 18.72 -24.29
C CYS E 250 24.84 18.32 -22.84
N LEU E 251 24.78 19.28 -21.92
CA LEU E 251 24.57 18.97 -20.52
C LEU E 251 23.09 19.04 -20.14
N GLY E 252 22.35 19.98 -20.71
CA GLY E 252 20.97 20.18 -20.34
C GLY E 252 19.97 19.43 -21.19
N LEU E 253 20.03 19.62 -22.51
CA LEU E 253 18.98 19.08 -23.37
C LEU E 253 18.82 17.58 -23.24
N PRO E 254 19.87 16.75 -23.31
CA PRO E 254 19.65 15.31 -23.12
C PRO E 254 19.12 14.98 -21.73
N ALA E 255 19.65 15.63 -20.68
CA ALA E 255 19.19 15.34 -19.34
C ALA E 255 17.71 15.70 -19.17
N ASN E 256 17.33 16.89 -19.63
CA ASN E 256 15.94 17.31 -19.49
C ASN E 256 15.01 16.48 -20.37
N ILE E 257 15.44 16.07 -21.56
CA ILE E 257 14.62 15.19 -22.38
C ILE E 257 14.41 13.86 -21.67
N LEU E 258 15.48 13.32 -21.07
CA LEU E 258 15.36 12.09 -20.30
C LEU E 258 14.37 12.25 -19.16
N THR E 259 14.44 13.39 -18.46
CA THR E 259 13.53 13.61 -17.35
C THR E 259 12.09 13.78 -17.80
N VAL E 260 11.87 14.42 -18.94
CA VAL E 260 10.51 14.55 -19.47
C VAL E 260 9.96 13.18 -19.80
N ILE E 261 10.75 12.33 -20.47
CA ILE E 261 10.22 11.03 -20.84
C ILE E 261 10.01 10.15 -19.61
N ILE E 262 10.84 10.31 -18.58
CA ILE E 262 10.65 9.55 -17.35
C ILE E 262 9.42 10.03 -16.59
N LEU E 263 9.25 11.35 -16.50
CA LEU E 263 8.24 11.93 -15.62
C LEU E 263 6.86 11.93 -16.27
N SER E 264 6.80 11.92 -17.60
CA SER E 264 5.52 11.80 -18.27
C SER E 264 4.91 10.42 -18.00
N GLN E 265 5.75 9.39 -17.92
CA GLN E 265 5.27 8.02 -17.79
C GLN E 265 5.09 7.57 -16.35
N LEU E 266 5.26 8.46 -15.38
CA LEU E 266 5.08 8.08 -13.98
C LEU E 266 3.61 7.78 -13.71
N VAL E 267 3.34 6.61 -13.13
CA VAL E 267 1.96 6.23 -12.84
C VAL E 267 1.40 7.06 -11.70
N ALA E 268 2.19 7.30 -10.65
CA ALA E 268 1.76 8.12 -9.53
C ALA E 268 1.87 9.61 -9.82
N ARG E 269 2.18 9.98 -11.06
CA ARG E 269 2.34 11.39 -11.40
C ARG E 269 1.06 12.17 -11.16
N ARG E 270 -0.09 11.59 -11.53
CA ARG E 270 -1.36 12.28 -11.34
C ARG E 270 -1.83 12.24 -9.90
N GLN E 271 -1.17 11.47 -9.04
CA GLN E 271 -1.63 11.34 -7.66
C GLN E 271 -1.37 12.61 -6.85
N LYS E 272 -0.17 13.19 -6.96
CA LYS E 272 0.22 14.32 -6.14
C LYS E 272 0.82 15.42 -6.99
N SER E 273 0.72 16.64 -6.47
CA SER E 273 0.82 17.86 -7.28
C SER E 273 2.23 18.25 -7.67
N VAL E 274 3.24 17.96 -6.83
CA VAL E 274 4.57 18.50 -7.09
C VAL E 274 5.20 17.86 -8.33
N TYR E 275 4.83 16.63 -8.66
CA TYR E 275 5.45 15.98 -9.80
C TYR E 275 4.95 16.54 -11.13
N ASN E 276 3.65 16.87 -11.21
CA ASN E 276 3.17 17.59 -12.40
C ASN E 276 3.87 18.92 -12.53
N TYR E 277 4.12 19.58 -11.41
CA TYR E 277 4.84 20.85 -11.42
C TYR E 277 6.25 20.66 -11.95
N LEU E 278 6.91 19.59 -11.53
CA LEU E 278 8.27 19.32 -12.02
C LEU E 278 8.25 19.04 -13.51
N LEU E 279 7.19 18.38 -14.00
CA LEU E 279 7.03 18.21 -15.44
C LEU E 279 6.89 19.56 -16.14
N ALA E 280 6.13 20.47 -15.54
CA ALA E 280 6.01 21.81 -16.11
C ALA E 280 7.35 22.52 -16.17
N LEU E 281 8.13 22.43 -15.08
CA LEU E 281 9.42 23.10 -15.06
C LEU E 281 10.38 22.48 -16.07
N ALA E 282 10.36 21.15 -16.21
CA ALA E 282 11.19 20.50 -17.20
C ALA E 282 10.81 20.93 -18.62
N ALA E 283 9.50 21.01 -18.90
CA ALA E 283 9.07 21.46 -20.22
C ALA E 283 9.48 22.91 -20.47
N ALA E 284 9.34 23.77 -19.46
CA ALA E 284 9.79 25.15 -19.60
C ALA E 284 11.28 25.20 -19.88
N ASP E 285 12.05 24.34 -19.22
CA ASP E 285 13.47 24.26 -19.49
C ASP E 285 13.72 23.82 -20.93
N ILE E 286 12.97 22.85 -21.42
CA ILE E 286 13.12 22.44 -22.82
C ILE E 286 12.92 23.62 -23.74
N LEU E 287 11.82 24.35 -23.55
CA LEU E 287 11.55 25.49 -24.42
C LEU E 287 12.66 26.53 -24.35
N VAL E 288 13.01 26.96 -23.14
CA VAL E 288 14.00 28.03 -23.01
C VAL E 288 15.35 27.60 -23.56
N LEU E 289 15.83 26.44 -23.13
CA LEU E 289 17.13 25.96 -23.60
C LEU E 289 17.15 25.83 -25.11
N PHE E 290 16.29 24.98 -25.67
CA PHE E 290 16.29 24.78 -27.11
C PHE E 290 16.17 26.12 -27.84
N PHE E 291 15.04 26.81 -27.66
CA PHE E 291 14.79 28.01 -28.43
C PHE E 291 15.92 29.00 -28.28
N ILE E 292 16.14 29.53 -27.07
CA ILE E 292 17.15 30.58 -26.93
C ILE E 292 18.51 30.06 -27.38
N VAL E 293 19.04 29.07 -26.65
CA VAL E 293 20.44 28.70 -26.82
C VAL E 293 20.72 28.30 -28.25
N PHE E 294 19.93 27.38 -28.80
CA PHE E 294 20.21 26.98 -30.17
C PHE E 294 19.84 28.09 -31.13
N VAL E 295 18.55 28.41 -31.24
CA VAL E 295 18.09 29.27 -32.32
C VAL E 295 18.79 30.63 -32.24
N ASP E 296 18.53 31.39 -31.18
CA ASP E 296 19.03 32.76 -31.14
C ASP E 296 20.56 32.76 -31.12
N PHE E 297 21.14 32.25 -30.04
CA PHE E 297 22.57 32.36 -29.78
C PHE E 297 23.40 31.34 -30.53
N LEU E 298 22.88 30.70 -31.57
CA LEU E 298 23.70 30.15 -32.63
C LEU E 298 23.41 30.78 -33.97
N LEU E 299 22.14 30.78 -34.41
CA LEU E 299 21.80 31.34 -35.71
C LEU E 299 22.20 32.80 -35.80
N GLU E 300 21.58 33.67 -35.00
CA GLU E 300 21.77 35.09 -35.27
C GLU E 300 23.13 35.59 -34.85
N ASP E 301 23.92 34.77 -34.17
CA ASP E 301 25.29 35.14 -33.82
C ASP E 301 26.33 34.52 -34.73
N PHE E 302 25.98 33.50 -35.51
CA PHE E 302 26.95 32.83 -36.36
C PHE E 302 26.61 32.89 -37.85
N ILE E 303 25.38 32.51 -38.22
CA ILE E 303 25.06 32.30 -39.63
C ILE E 303 23.77 33.04 -39.99
N LEU E 304 23.36 33.96 -39.12
CA LEU E 304 22.10 34.68 -39.33
C LEU E 304 22.30 36.09 -38.78
N ASN E 305 21.19 36.78 -38.50
CA ASN E 305 21.02 38.23 -38.30
C ASN E 305 20.91 38.93 -39.64
N MET E 306 21.02 38.20 -40.76
CA MET E 306 20.64 38.72 -42.06
C MET E 306 19.16 38.53 -42.35
N GLN E 307 18.45 37.81 -41.49
CA GLN E 307 17.01 37.62 -41.66
C GLN E 307 16.28 38.93 -41.54
N MET E 308 15.17 39.06 -42.25
CA MET E 308 14.32 40.23 -42.12
C MET E 308 13.82 40.34 -40.69
N PRO E 309 13.88 41.51 -40.06
CA PRO E 309 13.56 41.59 -38.63
C PRO E 309 12.11 41.88 -38.32
N GLN E 310 11.30 42.26 -39.32
CA GLN E 310 9.96 42.76 -39.04
C GLN E 310 9.10 41.69 -38.38
N VAL E 311 8.75 40.63 -39.10
CA VAL E 311 8.00 39.54 -38.51
C VAL E 311 8.92 38.62 -37.71
N PRO E 312 9.95 37.98 -38.33
CA PRO E 312 10.63 36.88 -37.64
C PRO E 312 11.33 37.31 -36.36
N ASP E 313 12.30 38.22 -36.46
CA ASP E 313 13.15 38.51 -35.31
C ASP E 313 12.31 38.90 -34.09
N LYS E 314 11.29 39.72 -34.29
CA LYS E 314 10.44 40.15 -33.19
C LYS E 314 9.33 39.17 -32.85
N ILE E 315 9.18 38.06 -33.59
CA ILE E 315 8.37 36.97 -33.08
C ILE E 315 9.22 35.98 -32.27
N ILE E 316 10.40 35.63 -32.77
CA ILE E 316 11.28 34.71 -32.03
C ILE E 316 11.76 35.35 -30.74
N GLU E 317 11.99 36.66 -30.72
CA GLU E 317 12.34 37.30 -29.45
C GLU E 317 11.21 37.21 -28.44
N VAL E 318 9.96 37.40 -28.90
CA VAL E 318 8.81 37.24 -28.04
C VAL E 318 8.72 35.81 -27.51
N LEU E 319 9.02 34.84 -28.38
CA LEU E 319 9.01 33.45 -27.95
C LEU E 319 10.08 33.19 -26.89
N GLU E 320 11.27 33.76 -27.06
CA GLU E 320 12.32 33.59 -26.07
C GLU E 320 11.95 34.20 -24.73
N PHE E 321 11.36 35.41 -24.76
CA PHE E 321 10.95 36.04 -23.50
C PHE E 321 9.81 35.28 -22.85
N SER E 322 8.92 34.72 -23.65
CA SER E 322 7.91 33.82 -23.11
C SER E 322 8.55 32.64 -22.43
N SER E 323 9.63 32.11 -23.01
CA SER E 323 10.31 30.97 -22.39
C SER E 323 10.94 31.34 -21.05
N ILE E 324 11.63 32.47 -20.98
CA ILE E 324 12.21 32.93 -19.71
C ILE E 324 11.13 33.11 -18.66
N HIS E 325 10.09 33.86 -19.00
CA HIS E 325 9.03 34.13 -18.04
C HIS E 325 8.33 32.84 -17.63
N THR E 326 8.19 31.90 -18.57
CA THR E 326 7.59 30.62 -18.26
C THR E 326 8.44 29.83 -17.27
N SER E 327 9.76 29.83 -17.46
CA SER E 327 10.62 29.13 -16.53
C SER E 327 10.49 29.71 -15.12
N ILE E 328 10.54 31.05 -15.02
CA ILE E 328 10.46 31.67 -13.70
C ILE E 328 9.10 31.39 -13.07
N TRP E 329 8.02 31.53 -13.83
CA TRP E 329 6.66 31.41 -13.31
C TRP E 329 6.19 29.97 -13.22
N ILE E 330 7.01 29.01 -13.61
CA ILE E 330 6.78 27.64 -13.18
C ILE E 330 7.60 27.32 -11.95
N THR E 331 8.78 27.91 -11.81
CA THR E 331 9.53 27.74 -10.57
C THR E 331 8.75 28.29 -9.37
N VAL E 332 8.06 29.41 -9.56
CA VAL E 332 7.35 30.03 -8.44
C VAL E 332 6.24 29.17 -7.86
N PRO E 333 5.23 28.73 -8.62
CA PRO E 333 4.10 28.05 -7.97
C PRO E 333 4.52 26.75 -7.30
N LEU E 334 5.63 26.16 -7.73
CA LEU E 334 6.19 25.06 -6.95
C LEU E 334 6.61 25.53 -5.57
N THR E 335 7.16 26.74 -5.49
CA THR E 335 7.55 27.29 -4.19
C THR E 335 6.34 27.53 -3.31
N ILE E 336 5.26 28.07 -3.88
CA ILE E 336 4.08 28.30 -3.04
C ILE E 336 3.48 26.97 -2.61
N ASP E 337 3.54 25.97 -3.48
CA ASP E 337 3.08 24.63 -3.10
C ASP E 337 3.90 24.08 -1.95
N ARG E 338 5.22 24.24 -2.02
CA ARG E 338 6.06 23.77 -0.93
C ARG E 338 5.73 24.48 0.37
N TYR E 339 5.51 25.80 0.30
CA TYR E 339 5.18 26.51 1.53
C TYR E 339 3.88 26.03 2.13
N ILE E 340 2.83 25.92 1.32
CA ILE E 340 1.55 25.48 1.87
C ILE E 340 1.65 24.06 2.40
N ALA E 341 2.38 23.21 1.69
CA ALA E 341 2.52 21.81 2.06
C ALA E 341 3.39 21.60 3.29
N VAL E 342 4.30 22.54 3.58
CA VAL E 342 5.18 22.41 4.74
C VAL E 342 4.59 23.08 5.97
N CYS E 343 3.91 24.21 5.78
CA CYS E 343 3.37 24.96 6.90
C CYS E 343 1.99 24.47 7.33
N HIS E 344 1.21 23.87 6.41
CA HIS E 344 -0.14 23.42 6.72
C HIS E 344 -0.31 21.99 6.26
N PRO E 345 0.35 21.04 6.92
CA PRO E 345 0.28 19.64 6.46
C PRO E 345 -1.12 19.07 6.50
N LEU E 346 -1.95 19.48 7.45
CA LEU E 346 -3.27 18.86 7.59
C LEU E 346 -4.22 19.31 6.50
N LYS E 347 -4.06 20.54 6.02
CA LYS E 347 -4.95 21.08 5.00
C LYS E 347 -4.40 20.94 3.59
N TYR E 348 -3.34 20.16 3.41
CA TYR E 348 -2.63 20.15 2.13
C TYR E 348 -3.52 19.62 1.01
N HIS E 349 -4.16 18.48 1.22
CA HIS E 349 -5.00 17.92 0.17
C HIS E 349 -6.31 18.68 0.05
N THR E 350 -6.73 19.36 1.12
CA THR E 350 -7.90 20.23 1.02
C THR E 350 -7.64 21.42 0.11
N VAL E 351 -6.46 22.02 0.22
CA VAL E 351 -6.15 23.21 -0.59
C VAL E 351 -5.51 22.86 -1.93
N SER E 352 -4.84 21.72 -2.02
CA SER E 352 -4.14 21.32 -3.25
C SER E 352 -4.61 19.93 -3.67
N TYR E 353 -4.93 19.79 -4.95
CA TYR E 353 -5.37 18.52 -5.53
C TYR E 353 -5.08 18.55 -7.02
N PRO E 354 -5.00 17.39 -7.68
CA PRO E 354 -4.62 17.38 -9.10
C PRO E 354 -5.51 18.19 -10.00
N ALA E 355 -6.81 18.31 -9.68
CA ALA E 355 -7.70 19.06 -10.56
C ALA E 355 -7.30 20.53 -10.62
N ARG E 356 -7.00 21.14 -9.48
CA ARG E 356 -6.54 22.52 -9.51
C ARG E 356 -5.14 22.64 -10.07
N THR E 357 -4.36 21.55 -10.01
CA THR E 357 -3.02 21.57 -10.56
C THR E 357 -3.05 21.86 -12.06
N ARG E 358 -3.95 21.21 -12.79
CA ARG E 358 -4.04 21.45 -14.23
C ARG E 358 -4.47 22.88 -14.52
N LYS E 359 -5.43 23.41 -13.77
CA LYS E 359 -5.86 24.78 -13.98
C LYS E 359 -4.70 25.74 -13.80
N VAL E 360 -3.99 25.64 -12.67
CA VAL E 360 -2.92 26.58 -12.39
C VAL E 360 -1.71 26.34 -13.29
N ILE E 361 -1.55 25.14 -13.84
CA ILE E 361 -0.41 24.87 -14.71
C ILE E 361 -0.66 25.31 -16.14
N VAL E 362 -1.92 25.41 -16.56
CA VAL E 362 -2.20 25.88 -17.91
C VAL E 362 -2.35 27.40 -17.86
N SER E 363 -2.81 27.92 -16.72
CA SER E 363 -3.02 29.37 -16.61
C SER E 363 -1.71 30.13 -16.75
N VAL E 364 -0.62 29.59 -16.20
CA VAL E 364 0.66 30.27 -16.30
C VAL E 364 1.16 30.31 -17.73
N TYR E 365 1.02 29.20 -18.47
CA TYR E 365 1.38 29.22 -19.88
C TYR E 365 0.56 30.24 -20.64
N ILE E 366 -0.75 30.27 -20.38
CA ILE E 366 -1.63 31.17 -21.10
C ILE E 366 -1.26 32.63 -20.81
N THR E 367 -1.05 32.96 -19.54
CA THR E 367 -0.75 34.35 -19.21
C THR E 367 0.65 34.74 -19.70
N CYS E 368 1.59 33.80 -19.76
CA CYS E 368 2.90 34.12 -20.31
C CYS E 368 2.81 34.40 -21.80
N PHE E 369 2.11 33.54 -22.55
CA PHE E 369 1.95 33.80 -23.98
C PHE E 369 1.18 35.07 -24.23
N LEU E 370 0.27 35.44 -23.32
CA LEU E 370 -0.49 36.68 -23.49
C LEU E 370 0.37 37.90 -23.19
N THR E 371 1.21 37.82 -22.16
CA THR E 371 2.02 38.97 -21.76
C THR E 371 3.35 39.04 -22.51
N SER E 372 3.63 38.07 -23.38
CA SER E 372 4.84 38.14 -24.18
C SER E 372 4.64 38.91 -25.49
N ILE E 373 3.42 38.97 -26.00
CA ILE E 373 3.15 39.66 -27.26
C ILE E 373 3.39 41.17 -27.16
N PRO E 374 3.26 41.83 -26.00
CA PRO E 374 3.70 43.24 -25.94
C PRO E 374 5.19 43.42 -26.06
N TYR E 375 5.97 42.36 -25.91
CA TYR E 375 7.41 42.45 -26.12
C TYR E 375 7.80 42.45 -27.60
N TYR E 376 6.82 42.61 -28.51
CA TYR E 376 7.13 42.71 -29.93
C TYR E 376 7.96 43.96 -30.21
N TRP E 377 7.70 45.04 -29.49
CA TRP E 377 8.47 46.27 -29.63
C TRP E 377 9.64 46.30 -28.63
N TRP E 378 10.43 45.23 -28.62
CA TRP E 378 11.57 45.14 -27.72
C TRP E 378 12.77 45.87 -28.31
N PRO E 379 13.53 46.60 -27.49
CA PRO E 379 14.66 47.38 -28.00
C PRO E 379 15.75 46.47 -28.56
N ASN E 380 16.31 46.85 -29.70
CA ASN E 380 17.49 46.18 -30.22
C ASN E 380 18.75 46.76 -29.61
N ILE E 381 19.48 45.94 -28.87
CA ILE E 381 20.60 46.41 -28.07
C ILE E 381 21.76 46.80 -28.99
N TRP E 382 22.50 47.83 -28.57
CA TRP E 382 23.46 48.51 -29.42
C TRP E 382 22.86 48.85 -30.78
N THR E 383 23.20 48.05 -31.79
CA THR E 383 22.86 48.30 -33.19
C THR E 383 23.43 49.63 -33.66
N GLU E 384 22.97 50.12 -34.80
CA GLU E 384 23.38 51.43 -35.26
C GLU E 384 22.93 52.52 -34.29
N ASP E 385 21.71 52.40 -33.78
CA ASP E 385 21.15 53.35 -32.84
C ASP E 385 20.17 52.62 -31.93
N TYR E 386 19.91 53.22 -30.77
CA TYR E 386 19.00 52.63 -29.79
C TYR E 386 17.77 53.51 -29.56
N ILE E 387 17.97 54.77 -29.18
CA ILE E 387 16.89 55.71 -28.83
C ILE E 387 16.09 55.18 -27.64
N SER E 388 16.16 55.89 -26.52
CA SER E 388 15.43 55.49 -25.31
C SER E 388 13.95 55.79 -25.49
N THR E 389 13.32 54.94 -26.31
CA THR E 389 11.90 55.08 -26.58
C THR E 389 11.10 54.89 -25.31
N SER E 390 9.99 55.62 -25.20
CA SER E 390 9.16 55.56 -24.01
C SER E 390 8.68 54.15 -23.70
N VAL E 391 8.54 53.30 -24.70
CA VAL E 391 8.13 51.91 -24.44
C VAL E 391 9.29 51.07 -23.93
N HIS E 392 10.52 51.44 -24.25
CA HIS E 392 11.67 50.64 -23.85
C HIS E 392 11.83 50.60 -22.34
N HIS E 393 11.74 51.76 -21.68
CA HIS E 393 11.99 51.80 -20.24
C HIS E 393 10.88 51.09 -19.47
N VAL E 394 9.63 51.27 -19.88
CA VAL E 394 8.53 50.60 -19.20
C VAL E 394 8.61 49.09 -19.44
N LEU E 395 9.01 48.68 -20.65
CA LEU E 395 9.20 47.26 -20.92
C LEU E 395 10.29 46.67 -20.03
N ILE E 396 11.39 47.40 -19.88
CA ILE E 396 12.48 46.94 -19.03
C ILE E 396 12.01 46.82 -17.58
N TRP E 397 11.30 47.83 -17.09
CA TRP E 397 10.84 47.80 -15.70
C TRP E 397 9.87 46.65 -15.47
N ILE E 398 8.94 46.44 -16.40
CA ILE E 398 7.98 45.35 -16.26
C ILE E 398 8.69 44.00 -16.26
N HIS E 399 9.63 43.82 -17.18
CA HIS E 399 10.36 42.55 -17.21
C HIS E 399 11.14 42.33 -15.93
N CYS E 400 11.81 43.38 -15.43
CA CYS E 400 12.56 43.26 -14.18
C CYS E 400 11.63 42.85 -13.05
N PHE E 401 10.50 43.54 -12.90
CA PHE E 401 9.57 43.21 -11.84
C PHE E 401 9.06 41.78 -11.96
N THR E 402 8.77 41.34 -13.18
CA THR E 402 8.14 40.04 -13.36
C THR E 402 9.13 38.88 -13.38
N VAL E 403 10.42 39.14 -13.50
CA VAL E 403 11.41 38.08 -13.53
C VAL E 403 12.20 38.00 -12.22
N TYR E 404 12.51 39.13 -11.60
CA TYR E 404 13.32 39.13 -10.39
C TYR E 404 12.57 39.73 -9.20
N LEU E 405 12.06 40.96 -9.33
CA LEU E 405 11.69 41.73 -8.15
C LEU E 405 10.60 41.04 -7.35
N VAL E 406 9.56 40.53 -8.01
CA VAL E 406 8.52 39.79 -7.33
C VAL E 406 8.99 38.37 -7.03
N PRO E 407 9.49 37.60 -8.01
CA PRO E 407 9.86 36.21 -7.70
C PRO E 407 10.93 36.08 -6.64
N CYS E 408 11.99 36.89 -6.68
CA CYS E 408 13.04 36.75 -5.66
C CYS E 408 12.47 37.06 -4.28
N SER E 409 11.69 38.14 -4.17
CA SER E 409 11.14 38.53 -2.89
C SER E 409 10.22 37.45 -2.32
N ILE E 410 9.37 36.87 -3.17
CA ILE E 410 8.46 35.86 -2.65
C ILE E 410 9.18 34.55 -2.33
N PHE E 411 10.18 34.18 -3.15
CA PHE E 411 11.04 33.06 -2.76
C PHE E 411 11.63 33.30 -1.37
N PHE E 412 12.18 34.50 -1.15
CA PHE E 412 12.74 34.85 0.14
C PHE E 412 11.72 34.68 1.25
N ILE E 413 10.53 35.26 1.05
CA ILE E 413 9.54 35.28 2.12
C ILE E 413 9.11 33.87 2.49
N LEU E 414 8.73 33.08 1.48
CA LEU E 414 8.23 31.74 1.76
C LEU E 414 9.31 30.84 2.35
N ASN E 415 10.53 30.88 1.80
CA ASN E 415 11.59 30.05 2.38
C ASN E 415 11.92 30.50 3.80
N SER E 416 11.92 31.81 4.05
CA SER E 416 12.23 32.32 5.39
C SER E 416 11.18 31.88 6.40
N ILE E 417 9.90 31.94 6.02
CA ILE E 417 8.85 31.50 6.93
C ILE E 417 8.96 30.02 7.20
N ILE E 418 9.26 29.22 6.17
CA ILE E 418 9.42 27.78 6.36
C ILE E 418 10.55 27.52 7.35
N VAL E 419 11.70 28.16 7.15
CA VAL E 419 12.84 27.96 8.04
C VAL E 419 12.50 28.41 9.45
N TYR E 420 11.81 29.55 9.58
CA TYR E 420 11.48 30.08 10.89
C TYR E 420 10.60 29.11 11.66
N LYS E 421 9.54 28.60 11.03
CA LYS E 421 8.64 27.73 11.76
C LYS E 421 9.25 26.36 11.99
N LEU E 422 10.14 25.90 11.11
CA LEU E 422 10.80 24.63 11.36
C LEU E 422 11.95 24.72 12.35
N ARG E 423 12.44 25.93 12.64
CA ARG E 423 13.51 26.08 13.61
C ARG E 423 13.01 26.48 14.99
N ARG E 424 12.02 27.36 15.07
CA ARG E 424 11.51 27.77 16.39
C ARG E 424 10.67 26.67 17.02
N LYS E 425 9.84 25.99 16.24
CA LYS E 425 9.03 24.91 16.77
C LYS E 425 9.89 23.69 17.08
N SER E 426 9.60 23.06 18.20
CA SER E 426 10.38 21.90 18.65
C SER E 426 10.07 20.70 17.78
N ASN E 427 11.12 20.06 17.27
CA ASN E 427 10.99 18.86 16.44
C ASN E 427 11.20 17.63 17.30
N PHE E 428 11.27 16.47 16.65
CA PHE E 428 11.53 15.23 17.37
C PHE E 428 12.95 15.20 17.90
N ARG E 429 13.16 14.45 18.97
CA ARG E 429 14.49 14.35 19.57
C ARG E 429 15.48 13.70 18.63
N LEU E 430 15.07 12.64 17.94
CA LEU E 430 15.94 11.94 17.00
C LEU E 430 15.86 12.56 15.60
N ARG E 431 16.06 13.87 15.53
CA ARG E 431 16.06 14.61 14.28
C ARG E 431 17.19 15.63 14.27
N GLY E 432 18.37 15.20 14.73
CA GLY E 432 19.50 16.11 14.79
C GLY E 432 19.95 16.60 13.43
N TYR E 433 20.09 15.69 12.48
CA TYR E 433 20.42 16.06 11.10
C TYR E 433 19.17 16.21 10.25
N SER E 434 18.21 16.99 10.74
CA SER E 434 16.96 17.21 10.03
C SER E 434 16.77 18.68 9.66
N THR E 435 16.81 19.60 10.64
CA THR E 435 16.61 21.01 10.33
C THR E 435 17.77 21.57 9.53
N GLY E 436 18.99 21.09 9.78
CA GLY E 436 20.14 21.60 9.04
C GLY E 436 20.04 21.35 7.56
N LYS E 437 19.65 20.12 7.18
CA LYS E 437 19.60 19.76 5.76
C LYS E 437 18.55 20.59 5.03
N THR E 438 17.34 20.67 5.57
CA THR E 438 16.29 21.42 4.89
C THR E 438 16.61 22.92 4.85
N THR E 439 17.16 23.46 5.95
CA THR E 439 17.54 24.86 5.95
C THR E 439 18.62 25.12 4.90
N ALA E 440 19.60 24.23 4.81
CA ALA E 440 20.68 24.39 3.86
C ALA E 440 20.16 24.34 2.43
N ILE E 441 19.29 23.38 2.13
CA ILE E 441 18.82 23.23 0.75
C ILE E 441 17.97 24.43 0.36
N LEU E 442 17.09 24.89 1.26
CA LEU E 442 16.27 26.05 0.93
C LEU E 442 17.13 27.30 0.70
N PHE E 443 18.07 27.56 1.61
CA PHE E 443 18.89 28.76 1.46
C PHE E 443 19.79 28.67 0.24
N THR E 444 20.34 27.49 -0.06
CA THR E 444 21.18 27.39 -1.25
C THR E 444 20.37 27.58 -2.51
N ILE E 445 19.14 27.06 -2.58
CA ILE E 445 18.30 27.27 -3.75
C ILE E 445 18.05 28.76 -3.94
N THR E 446 17.59 29.43 -2.88
CA THR E 446 17.22 30.83 -3.03
C THR E 446 18.45 31.69 -3.34
N SER E 447 19.58 31.40 -2.69
CA SER E 447 20.78 32.19 -2.91
C SER E 447 21.34 31.99 -4.30
N ILE E 448 21.35 30.76 -4.81
CA ILE E 448 21.88 30.53 -6.14
C ILE E 448 21.01 31.20 -7.18
N PHE E 449 19.68 31.14 -7.02
CA PHE E 449 18.82 31.82 -7.98
C PHE E 449 19.07 33.33 -7.95
N ALA E 450 19.12 33.91 -6.74
CA ALA E 450 19.32 35.35 -6.63
C ALA E 450 20.65 35.78 -7.24
N THR E 451 21.72 35.05 -6.92
CA THR E 451 23.05 35.41 -7.39
C THR E 451 23.23 35.21 -8.89
N LEU E 452 22.61 34.18 -9.48
CA LEU E 452 22.76 33.97 -10.91
C LEU E 452 21.84 34.85 -11.74
N TRP E 453 20.76 35.38 -11.18
CA TRP E 453 19.91 36.28 -11.95
C TRP E 453 20.09 37.75 -11.62
N ALA E 454 20.88 38.09 -10.60
CA ALA E 454 21.19 39.49 -10.35
C ALA E 454 21.95 40.16 -11.49
N PRO E 455 22.99 39.56 -12.09
CA PRO E 455 23.84 40.34 -13.01
C PRO E 455 23.10 40.89 -14.22
N ARG E 456 22.23 40.11 -14.85
CA ARG E 456 21.51 40.61 -16.01
C ARG E 456 20.65 41.80 -15.66
N ILE E 457 19.91 41.71 -14.55
CA ILE E 457 19.03 42.81 -14.15
C ILE E 457 19.85 44.05 -13.85
N ILE E 458 20.95 43.88 -13.11
CA ILE E 458 21.78 45.03 -12.76
C ILE E 458 22.35 45.67 -14.04
N MET E 459 22.83 44.86 -14.96
CA MET E 459 23.42 45.37 -16.19
C MET E 459 22.38 46.12 -17.03
N ILE E 460 21.19 45.55 -17.19
CA ILE E 460 20.20 46.22 -18.03
C ILE E 460 19.70 47.49 -17.36
N LEU E 461 19.57 47.49 -16.03
CA LEU E 461 19.17 48.71 -15.33
C LEU E 461 20.23 49.79 -15.46
N TYR E 462 21.51 49.42 -15.38
CA TYR E 462 22.56 50.39 -15.57
C TYR E 462 22.61 50.88 -17.01
N HIS E 463 22.21 50.02 -17.96
CA HIS E 463 22.07 50.47 -19.34
C HIS E 463 20.95 51.49 -19.48
N LEU E 464 19.83 51.27 -18.79
CA LEU E 464 18.71 52.19 -18.88
C LEU E 464 19.05 53.53 -18.27
N TYR E 465 19.62 53.51 -17.06
CA TYR E 465 20.05 54.73 -16.39
C TYR E 465 21.50 55.06 -16.78
N GLY E 466 22.09 56.02 -16.08
CA GLY E 466 23.51 56.30 -16.23
C GLY E 466 23.86 56.94 -17.56
N ALA E 467 25.16 57.16 -17.73
CA ALA E 467 25.74 57.66 -18.97
C ALA E 467 26.87 56.72 -19.35
N PRO E 468 26.54 55.59 -20.00
CA PRO E 468 27.57 54.58 -20.27
C PRO E 468 28.67 55.11 -21.18
N ILE E 469 29.90 54.68 -20.89
CA ILE E 469 31.04 55.03 -21.73
C ILE E 469 30.94 54.41 -23.12
N GLN E 470 30.16 53.33 -23.25
CA GLN E 470 29.96 52.66 -24.53
C GLN E 470 31.29 52.21 -25.13
N ASN E 471 32.11 51.57 -24.30
CA ASN E 471 33.32 50.92 -24.78
C ASN E 471 33.01 49.48 -25.15
N ARG E 472 33.55 49.02 -26.27
CA ARG E 472 33.17 47.71 -26.80
C ARG E 472 33.43 46.60 -25.80
N TRP E 473 34.50 46.74 -25.00
CA TRP E 473 34.86 45.66 -24.09
C TRP E 473 33.92 45.61 -22.88
N LEU E 474 33.91 46.68 -22.08
CA LEU E 474 33.32 46.58 -20.75
C LEU E 474 31.79 46.51 -20.79
N VAL E 475 31.17 46.98 -21.86
CA VAL E 475 29.70 46.92 -21.93
C VAL E 475 29.20 45.68 -22.66
N HIS E 476 30.00 45.08 -23.52
CA HIS E 476 29.58 43.92 -24.28
C HIS E 476 30.06 42.60 -23.71
N ILE E 477 31.33 42.51 -23.30
CA ILE E 477 31.81 41.29 -22.68
C ILE E 477 31.10 41.05 -21.34
N MET E 478 30.91 42.11 -20.55
CA MET E 478 30.16 41.99 -19.31
C MET E 478 28.72 41.60 -19.57
N SER E 479 28.10 42.20 -20.59
CA SER E 479 26.73 41.84 -20.94
C SER E 479 26.62 40.38 -21.33
N ASP E 480 27.57 39.89 -22.15
CA ASP E 480 27.47 38.51 -22.62
C ASP E 480 27.75 37.53 -21.49
N ILE E 481 28.70 37.84 -20.61
CA ILE E 481 28.96 36.94 -19.50
C ILE E 481 27.78 36.94 -18.52
N ALA E 482 27.14 38.08 -18.31
CA ALA E 482 25.96 38.10 -17.45
C ALA E 482 24.80 37.33 -18.06
N ASN E 483 24.52 37.54 -19.34
CA ASN E 483 23.47 36.78 -20.01
C ASN E 483 23.80 35.29 -20.04
N MET E 484 25.10 34.97 -20.00
CA MET E 484 25.49 33.57 -19.86
C MET E 484 25.14 33.03 -18.48
N LEU E 485 25.17 33.89 -17.46
CA LEU E 485 24.80 33.44 -16.12
C LEU E 485 23.32 33.11 -16.01
N ALA E 486 22.46 33.82 -16.74
CA ALA E 486 21.04 33.48 -16.74
C ALA E 486 20.81 32.09 -17.31
N LEU E 487 21.48 31.77 -18.42
CA LEU E 487 21.36 30.42 -18.98
C LEU E 487 22.00 29.38 -18.07
N LEU E 488 23.06 29.76 -17.36
CA LEU E 488 23.62 28.87 -16.35
C LEU E 488 22.59 28.55 -15.28
N ASN E 489 21.85 29.55 -14.82
CA ASN E 489 20.83 29.31 -13.80
C ASN E 489 19.70 28.45 -14.35
N THR E 490 19.29 28.69 -15.59
CA THR E 490 18.25 27.87 -16.19
C THR E 490 18.69 26.42 -16.31
N ALA E 491 19.96 26.19 -16.66
CA ALA E 491 20.46 24.82 -16.76
C ALA E 491 20.61 24.18 -15.39
N ILE E 492 21.04 24.96 -14.39
CA ILE E 492 21.33 24.41 -13.06
C ILE E 492 20.10 24.26 -12.18
N ASN E 493 18.97 24.87 -12.58
CA ASN E 493 17.75 24.67 -11.82
C ASN E 493 17.35 23.19 -11.82
N PHE E 494 17.68 22.49 -12.91
CA PHE E 494 17.56 21.04 -12.92
C PHE E 494 18.34 20.38 -11.78
N PHE E 495 19.66 20.59 -11.73
CA PHE E 495 20.46 19.96 -10.68
C PHE E 495 19.98 20.40 -9.30
N LEU E 496 19.40 21.60 -9.22
CA LEU E 496 18.87 22.09 -7.96
C LEU E 496 17.65 21.32 -7.50
N TYR E 497 16.71 21.04 -8.40
CA TYR E 497 15.41 20.48 -8.00
C TYR E 497 15.34 18.97 -8.24
N CYS E 498 15.52 18.53 -9.48
CA CYS E 498 15.27 17.14 -9.81
C CYS E 498 16.39 16.23 -9.35
N PHE E 499 17.63 16.70 -9.40
CA PHE E 499 18.78 15.83 -9.15
C PHE E 499 18.94 15.49 -7.68
N ILE E 500 18.53 16.39 -6.79
CA ILE E 500 18.78 16.19 -5.36
C ILE E 500 18.05 14.97 -4.83
N SER E 501 16.80 14.77 -5.27
CA SER E 501 15.99 13.68 -4.72
C SER E 501 16.59 12.33 -5.06
N LYS E 502 16.78 11.48 -4.04
CA LYS E 502 17.32 10.15 -4.27
C LYS E 502 16.34 9.26 -5.02
N ARG E 503 15.04 9.46 -4.80
CA ARG E 503 14.05 8.69 -5.54
C ARG E 503 14.17 8.90 -7.03
N PHE E 504 14.32 10.14 -7.47
CA PHE E 504 14.57 10.39 -8.89
C PHE E 504 15.85 9.68 -9.34
N ARG E 505 16.87 9.68 -8.49
CA ARG E 505 18.14 9.06 -8.84
C ARG E 505 17.99 7.56 -9.08
N THR E 506 17.18 6.87 -8.27
CA THR E 506 17.10 5.41 -8.43
C THR E 506 16.39 5.04 -9.73
N MET E 507 15.33 5.76 -10.10
CA MET E 507 14.73 5.51 -11.41
C MET E 507 15.68 5.89 -12.54
N ALA E 508 16.46 6.96 -12.36
CA ALA E 508 17.44 7.31 -13.39
C ALA E 508 18.45 6.18 -13.58
N ALA E 509 18.94 5.62 -12.47
CA ALA E 509 19.90 4.52 -12.54
C ALA E 509 19.28 3.28 -13.17
N ALA E 510 18.02 2.99 -12.82
CA ALA E 510 17.35 1.84 -13.41
C ALA E 510 17.14 2.03 -14.92
N THR E 511 16.83 3.25 -15.35
CA THR E 511 16.49 3.49 -16.74
C THR E 511 17.71 3.77 -17.62
N LEU E 512 18.89 4.00 -17.04
CA LEU E 512 20.07 4.19 -17.89
C LEU E 512 20.41 2.91 -18.64
N LYS E 513 20.21 1.75 -18.01
CA LYS E 513 20.43 0.46 -18.66
C LYS E 513 19.16 -0.14 -19.23
N ALA E 514 18.05 0.58 -19.18
CA ALA E 514 16.78 0.05 -19.70
C ALA E 514 16.85 -0.19 -21.20
N PHE E 515 17.52 0.70 -21.93
CA PHE E 515 17.65 0.53 -23.37
C PHE E 515 18.46 -0.70 -23.73
N PHE E 516 19.38 -1.11 -22.86
CA PHE E 516 20.23 -2.27 -23.13
C PHE E 516 20.01 -3.35 -22.07
#